data_8FEU
#
_entry.id   8FEU
#
_cell.length_a   165.180
_cell.length_b   165.180
_cell.length_c   207.655
_cell.angle_alpha   90.00
_cell.angle_beta   90.00
_cell.angle_gamma   90.00
#
_symmetry.space_group_name_H-M   'I 41 2 2'
#
loop_
_entity.id
_entity.type
_entity.pdbx_description
1 polymer '3-deoxyanthocyanidin synthase'
2 non-polymer NARINGENIN
3 non-polymer 'NADP NICOTINAMIDE-ADENINE-DINUCLEOTIDE PHOSPHATE'
4 non-polymer 'SULFATE ION'
5 water water
#
_entity_poly.entity_id   1
_entity_poly.type   'polypeptide(L)'
_entity_poly.pdbx_seq_one_letter_code
;MSSSAGNKKTMKTACVTGGSGYIGSALIKLLLEKGYAVKTTVRNPDDMEKNSHLKDLQKLGPLTVFRADMDEEGSFDDAV
AGCDYVFLVAAPLHFEAQDPEKEQIEPAIQGTLNTMRSCVKAGTVRRVILTSSVAAVYFRPDLLGDGHGHVLDEDSWSDV
DFLRAHKPPTWSHCVSKVLLEKEAGRFAEEHGISLVTILPVIVVGAAPAPKARSSIVDCLSMLSGDEAGLAMLRAIQKTS
GEVQLVHVDDLCRAELFLAENATANGRYICSRYHPTLVELATFLAQKYPQYGVKPTDFDDEERPRVTMSLEKLIREGFEY
KHNTLEEIYDNVVEYGKALGILPY
;
_entity_poly.pdbx_strand_id   A,B
#
# COMPACT_ATOMS: atom_id res chain seq x y z
N MET A 11 8.28 -31.52 -12.67
CA MET A 11 7.01 -32.18 -13.03
C MET A 11 6.23 -31.33 -14.04
N LYS A 12 5.74 -30.14 -13.64
CA LYS A 12 5.15 -29.22 -14.60
C LYS A 12 6.22 -28.56 -15.45
N THR A 13 5.84 -28.15 -16.65
CA THR A 13 6.76 -27.53 -17.61
C THR A 13 6.29 -26.13 -17.95
N ALA A 14 7.23 -25.21 -18.09
CA ALA A 14 6.90 -23.83 -18.42
C ALA A 14 7.84 -23.33 -19.50
N CYS A 15 7.34 -22.41 -20.32
CA CYS A 15 8.17 -21.74 -21.32
C CYS A 15 8.34 -20.28 -20.96
N VAL A 16 9.55 -19.76 -21.19
CA VAL A 16 9.86 -18.36 -20.98
C VAL A 16 10.45 -17.86 -22.28
N THR A 17 9.79 -16.88 -22.90
CA THR A 17 10.31 -16.30 -24.13
C THR A 17 11.40 -15.29 -23.79
N GLY A 18 12.47 -15.28 -24.58
CA GLY A 18 13.52 -14.31 -24.39
C GLY A 18 14.40 -14.63 -23.20
N GLY A 19 14.89 -15.87 -23.11
CA GLY A 19 15.72 -16.30 -22.01
C GLY A 19 16.97 -15.47 -21.81
N SER A 20 17.46 -14.82 -22.87
CA SER A 20 18.62 -13.95 -22.76
C SER A 20 18.28 -12.62 -22.10
N GLY A 21 17.00 -12.33 -21.86
CA GLY A 21 16.63 -11.02 -21.37
C GLY A 21 16.76 -10.88 -19.84
N TYR A 22 16.72 -9.63 -19.41
CA TYR A 22 16.80 -9.29 -17.99
C TYR A 22 15.75 -10.03 -17.17
N ILE A 23 14.47 -9.71 -17.38
CA ILE A 23 13.43 -10.35 -16.59
C ILE A 23 13.30 -11.82 -16.95
N GLY A 24 13.51 -12.16 -18.23
CA GLY A 24 13.41 -13.54 -18.64
C GLY A 24 14.39 -14.43 -17.89
N SER A 25 15.65 -13.99 -17.80
CA SER A 25 16.65 -14.80 -17.11
C SER A 25 16.25 -15.00 -15.65
N ALA A 26 15.83 -13.91 -14.99
CA ALA A 26 15.45 -14.03 -13.58
C ALA A 26 14.25 -14.97 -13.42
N LEU A 27 13.32 -14.94 -14.36
CA LEU A 27 12.14 -15.80 -14.26
C LEU A 27 12.50 -17.27 -14.43
N ILE A 28 13.41 -17.56 -15.37
CA ILE A 28 13.89 -18.93 -15.54
C ILE A 28 14.45 -19.46 -14.23
N LYS A 29 15.30 -18.65 -13.58
CA LYS A 29 15.92 -19.06 -12.32
C LYS A 29 14.87 -19.41 -11.28
N LEU A 30 13.89 -18.52 -11.07
CA LEU A 30 12.84 -18.82 -10.12
C LEU A 30 12.15 -20.14 -10.47
N LEU A 31 11.78 -20.32 -11.75
CA LEU A 31 11.03 -21.52 -12.13
C LEU A 31 11.85 -22.78 -11.83
N LEU A 32 13.13 -22.78 -12.17
CA LEU A 32 13.98 -23.93 -11.86
C LEU A 32 14.05 -24.17 -10.36
N GLU A 33 14.31 -23.12 -9.58
CA GLU A 33 14.34 -23.25 -8.14
C GLU A 33 13.05 -23.86 -7.62
N LYS A 34 11.93 -23.54 -8.26
CA LYS A 34 10.64 -24.00 -7.78
C LYS A 34 10.29 -25.39 -8.25
N GLY A 35 11.19 -26.04 -9.01
CA GLY A 35 10.98 -27.42 -9.41
C GLY A 35 10.32 -27.60 -10.76
N TYR A 36 10.33 -26.56 -11.59
CA TYR A 36 9.72 -26.65 -12.91
C TYR A 36 10.75 -27.16 -13.92
N ALA A 37 10.27 -27.96 -14.87
CA ALA A 37 10.99 -28.08 -16.12
C ALA A 37 10.72 -26.83 -16.94
N VAL A 38 11.77 -26.27 -17.54
CA VAL A 38 11.67 -24.99 -18.23
C VAL A 38 12.15 -25.12 -19.66
N LYS A 39 11.46 -24.45 -20.58
CA LYS A 39 11.90 -24.28 -21.95
C LYS A 39 11.97 -22.79 -22.24
N THR A 40 13.04 -22.36 -22.88
CA THR A 40 13.20 -20.94 -23.16
C THR A 40 13.66 -20.73 -24.60
N THR A 41 13.36 -19.55 -25.12
CA THR A 41 13.74 -19.19 -26.47
C THR A 41 14.73 -18.03 -26.42
N VAL A 42 15.71 -18.07 -27.32
CA VAL A 42 16.58 -16.95 -27.61
C VAL A 42 16.69 -16.85 -29.13
N ARG A 43 17.21 -15.73 -29.61
CA ARG A 43 17.27 -15.54 -31.05
C ARG A 43 18.43 -16.32 -31.66
N ASN A 44 19.56 -16.41 -30.96
CA ASN A 44 20.73 -17.13 -31.45
C ASN A 44 21.33 -17.96 -30.32
N PRO A 45 20.90 -19.21 -30.17
CA PRO A 45 21.39 -20.04 -29.05
C PRO A 45 22.89 -20.23 -29.04
N ASP A 46 23.59 -19.90 -30.12
CA ASP A 46 25.04 -20.06 -30.17
C ASP A 46 25.78 -18.85 -29.62
N ASP A 47 25.13 -17.69 -29.58
CA ASP A 47 25.76 -16.48 -29.04
C ASP A 47 26.01 -16.61 -27.55
N MET A 48 27.21 -17.06 -27.15
CA MET A 48 27.52 -17.18 -25.73
C MET A 48 27.78 -15.83 -25.08
N GLU A 49 28.03 -14.78 -25.87
CA GLU A 49 28.12 -13.45 -25.29
C GLU A 49 26.82 -13.07 -24.58
N LYS A 50 25.68 -13.43 -25.17
CA LYS A 50 24.37 -13.14 -24.62
C LYS A 50 23.83 -14.26 -23.75
N ASN A 51 24.25 -15.50 -23.99
CA ASN A 51 23.57 -16.65 -23.41
C ASN A 51 24.50 -17.55 -22.60
N SER A 52 25.62 -17.02 -22.11
CA SER A 52 26.52 -17.84 -21.29
C SER A 52 25.85 -18.27 -19.99
N HIS A 53 24.82 -17.54 -19.54
CA HIS A 53 24.15 -17.89 -18.29
C HIS A 53 23.29 -19.13 -18.41
N LEU A 54 22.93 -19.51 -19.64
CA LEU A 54 22.01 -20.62 -19.79
C LEU A 54 22.64 -21.93 -19.34
N LYS A 55 23.93 -22.13 -19.65
CA LYS A 55 24.62 -23.32 -19.18
C LYS A 55 24.61 -23.37 -17.65
N ASP A 56 24.87 -22.24 -17.00
CA ASP A 56 24.82 -22.18 -15.54
C ASP A 56 23.42 -22.49 -15.02
N LEU A 57 22.39 -21.89 -15.63
CA LEU A 57 21.04 -22.13 -15.14
C LEU A 57 20.68 -23.60 -15.28
N GLN A 58 21.19 -24.25 -16.33
CA GLN A 58 20.92 -25.67 -16.51
C GLN A 58 21.33 -26.51 -15.29
N LYS A 59 22.28 -26.01 -14.48
CA LYS A 59 22.66 -26.74 -13.27
C LYS A 59 21.55 -26.76 -12.22
N LEU A 60 20.60 -25.83 -12.27
CA LEU A 60 19.56 -25.79 -11.26
C LEU A 60 18.42 -26.75 -11.53
N GLY A 61 18.27 -27.24 -12.76
CA GLY A 61 17.13 -28.06 -13.10
C GLY A 61 16.99 -28.22 -14.59
N PRO A 62 15.93 -28.90 -15.04
CA PRO A 62 15.78 -29.17 -16.47
C PRO A 62 15.50 -27.90 -17.28
N LEU A 63 16.47 -27.44 -18.05
CA LEU A 63 16.33 -26.24 -18.86
C LEU A 63 16.73 -26.55 -20.30
N THR A 64 15.82 -26.29 -21.24
CA THR A 64 16.05 -26.55 -22.66
C THR A 64 15.96 -25.25 -23.45
N VAL A 65 16.87 -25.07 -24.41
CA VAL A 65 16.99 -23.82 -25.14
C VAL A 65 16.54 -24.04 -26.59
N PHE A 66 15.74 -23.11 -27.11
CA PHE A 66 15.25 -23.17 -28.48
C PHE A 66 15.55 -21.86 -29.18
N ARG A 67 15.73 -21.92 -30.49
CA ARG A 67 15.82 -20.73 -31.31
C ARG A 67 14.43 -20.33 -31.75
N ALA A 68 14.10 -19.05 -31.61
CA ALA A 68 12.80 -18.55 -32.05
C ALA A 68 12.88 -17.04 -32.19
N ASP A 69 12.08 -16.52 -33.11
CA ASP A 69 12.00 -15.08 -33.34
C ASP A 69 10.53 -14.70 -33.48
N MET A 70 10.13 -13.64 -32.77
CA MET A 70 8.74 -13.20 -32.83
C MET A 70 8.35 -12.76 -34.24
N ASP A 71 9.33 -12.35 -35.04
CA ASP A 71 9.08 -11.95 -36.42
C ASP A 71 8.85 -13.15 -37.34
N GLU A 72 9.14 -14.36 -36.88
CA GLU A 72 9.14 -15.54 -37.72
C GLU A 72 7.99 -16.44 -37.29
N GLU A 73 6.97 -16.54 -38.15
CA GLU A 73 5.73 -17.22 -37.77
C GLU A 73 5.98 -18.69 -37.42
N GLY A 74 5.32 -19.15 -36.36
CA GLY A 74 5.42 -20.53 -35.90
C GLY A 74 6.71 -20.92 -35.23
N SER A 75 7.73 -20.06 -35.25
CA SER A 75 9.03 -20.46 -34.71
C SER A 75 9.00 -20.77 -33.21
N PHE A 76 7.92 -20.44 -32.51
CA PHE A 76 7.81 -20.76 -31.09
C PHE A 76 7.14 -22.11 -30.85
N ASP A 77 6.72 -22.80 -31.91
CA ASP A 77 5.95 -24.03 -31.76
C ASP A 77 6.66 -25.04 -30.88
N ASP A 78 7.95 -25.27 -31.13
CA ASP A 78 8.68 -26.31 -30.43
C ASP A 78 8.87 -25.94 -28.96
N ALA A 79 9.23 -24.69 -28.68
CA ALA A 79 9.48 -24.26 -27.30
C ALA A 79 8.23 -24.34 -26.44
N VAL A 80 7.06 -24.06 -27.03
CA VAL A 80 5.81 -24.00 -26.26
C VAL A 80 5.19 -25.38 -26.09
N ALA A 81 5.54 -26.33 -26.96
CA ALA A 81 4.91 -27.64 -26.90
C ALA A 81 5.12 -28.29 -25.53
N GLY A 82 4.09 -28.97 -25.05
CA GLY A 82 4.15 -29.65 -23.77
C GLY A 82 4.04 -28.75 -22.55
N CYS A 83 4.11 -27.43 -22.69
CA CYS A 83 4.15 -26.58 -21.50
C CYS A 83 2.78 -26.42 -20.88
N ASP A 84 2.76 -26.43 -19.54
CA ASP A 84 1.57 -26.06 -18.77
C ASP A 84 1.39 -24.55 -18.69
N TYR A 85 2.48 -23.78 -18.73
CA TYR A 85 2.43 -22.33 -18.59
C TYR A 85 3.39 -21.71 -19.59
N VAL A 86 3.02 -20.55 -20.10
CA VAL A 86 3.86 -19.82 -21.04
C VAL A 86 3.97 -18.39 -20.53
N PHE A 87 5.22 -17.95 -20.31
CA PHE A 87 5.48 -16.59 -19.85
C PHE A 87 5.97 -15.78 -21.04
N LEU A 88 5.11 -14.89 -21.53
CA LEU A 88 5.47 -14.04 -22.67
C LEU A 88 6.19 -12.85 -22.08
N VAL A 89 7.52 -12.96 -22.03
CA VAL A 89 8.37 -11.91 -21.50
C VAL A 89 9.05 -11.12 -22.61
N ALA A 90 9.51 -11.81 -23.66
CA ALA A 90 10.24 -11.14 -24.73
C ALA A 90 9.37 -10.07 -25.38
N ALA A 91 10.00 -8.94 -25.72
CA ALA A 91 9.29 -7.84 -26.34
C ALA A 91 10.27 -7.03 -27.17
N PRO A 92 9.84 -6.54 -28.36
CA PRO A 92 10.72 -5.69 -29.17
C PRO A 92 11.42 -4.59 -28.39
N LEU A 93 10.64 -3.66 -27.85
CA LEU A 93 11.17 -2.49 -27.11
C LEU A 93 11.99 -1.65 -28.10
N HIS A 94 13.15 -1.12 -27.69
CA HIS A 94 14.01 -0.31 -28.55
C HIS A 94 13.25 0.83 -29.23
N PHE A 95 13.38 2.05 -28.68
CA PHE A 95 12.55 3.16 -29.12
C PHE A 95 12.75 3.48 -30.59
N GLU A 96 14.00 3.55 -31.03
CA GLU A 96 14.33 3.93 -32.40
C GLU A 96 13.50 5.13 -32.86
N ALA A 97 12.82 5.02 -34.01
CA ALA A 97 11.92 6.06 -34.49
C ALA A 97 11.49 5.79 -35.93
N GLN A 98 11.43 6.85 -36.75
CA GLN A 98 11.03 6.79 -38.15
C GLN A 98 9.53 6.58 -38.29
N ASP A 99 9.09 5.38 -38.66
CA ASP A 99 7.66 5.08 -38.70
C ASP A 99 7.32 4.08 -37.58
N PRO A 100 7.08 4.57 -36.36
CA PRO A 100 6.81 3.65 -35.24
C PRO A 100 5.66 2.72 -35.51
N GLU A 101 4.64 3.17 -36.22
CA GLU A 101 3.45 2.33 -36.42
C GLU A 101 3.82 1.03 -37.10
N LYS A 102 4.68 1.09 -38.11
CA LYS A 102 5.02 -0.11 -38.87
C LYS A 102 6.26 -0.81 -38.35
N GLU A 103 7.10 -0.11 -37.60
CA GLU A 103 8.36 -0.67 -37.13
C GLU A 103 8.35 -1.05 -35.66
N GLN A 104 7.42 -0.53 -34.87
CA GLN A 104 7.31 -0.92 -33.47
C GLN A 104 5.94 -1.47 -33.13
N ILE A 105 4.88 -0.74 -33.46
CA ILE A 105 3.54 -1.09 -32.99
C ILE A 105 3.03 -2.35 -33.67
N GLU A 106 2.96 -2.32 -35.01
CA GLU A 106 2.49 -3.50 -35.74
C GLU A 106 3.30 -4.73 -35.42
N PRO A 107 4.63 -4.72 -35.52
CA PRO A 107 5.41 -5.90 -35.09
C PRO A 107 5.11 -6.34 -33.66
N ALA A 108 5.02 -5.39 -32.72
CA ALA A 108 4.71 -5.77 -31.34
C ALA A 108 3.43 -6.58 -31.29
N ILE A 109 2.39 -6.13 -31.99
CA ILE A 109 1.12 -6.84 -31.98
C ILE A 109 1.25 -8.21 -32.63
N GLN A 110 1.91 -8.28 -33.78
CA GLN A 110 1.96 -9.52 -34.56
C GLN A 110 2.86 -10.55 -33.89
N GLY A 111 4.00 -10.13 -33.37
CA GLY A 111 4.85 -11.04 -32.62
C GLY A 111 4.13 -11.68 -31.45
N THR A 112 3.32 -10.89 -30.74
CA THR A 112 2.55 -11.45 -29.62
C THR A 112 1.57 -12.52 -30.11
N LEU A 113 0.80 -12.19 -31.16
CA LEU A 113 -0.16 -13.17 -31.68
C LEU A 113 0.58 -14.39 -32.26
N ASN A 114 1.74 -14.17 -32.87
CA ASN A 114 2.57 -15.28 -33.30
C ASN A 114 2.77 -16.28 -32.15
N THR A 115 3.25 -15.80 -31.00
CA THR A 115 3.48 -16.69 -29.87
C THR A 115 2.17 -17.27 -29.34
N MET A 116 1.10 -16.46 -29.28
CA MET A 116 -0.21 -16.96 -28.86
C MET A 116 -0.63 -18.19 -29.68
N ARG A 117 -0.42 -18.14 -31.00
CA ARG A 117 -0.86 -19.24 -31.86
C ARG A 117 -0.12 -20.53 -31.53
N SER A 118 1.18 -20.43 -31.22
CA SER A 118 1.91 -21.61 -30.77
C SER A 118 1.29 -22.18 -29.49
N CYS A 119 0.82 -21.31 -28.59
CA CYS A 119 0.15 -21.82 -27.39
C CYS A 119 -1.09 -22.61 -27.75
N VAL A 120 -1.89 -22.10 -28.70
CA VAL A 120 -3.06 -22.86 -29.14
C VAL A 120 -2.64 -24.19 -29.74
N LYS A 121 -1.60 -24.17 -30.58
CA LYS A 121 -1.15 -25.42 -31.21
C LYS A 121 -0.73 -26.46 -30.18
N ALA A 122 -0.05 -26.01 -29.11
CA ALA A 122 0.44 -26.97 -28.12
C ALA A 122 -0.71 -27.73 -27.46
N GLY A 123 -1.85 -27.07 -27.28
CA GLY A 123 -2.98 -27.70 -26.63
C GLY A 123 -2.82 -27.92 -25.14
N THR A 124 -1.58 -27.84 -24.63
CA THR A 124 -1.33 -28.13 -23.22
C THR A 124 -1.36 -26.91 -22.31
N VAL A 125 -1.42 -25.70 -22.88
CA VAL A 125 -1.10 -24.50 -22.11
C VAL A 125 -2.30 -24.12 -21.24
N ARG A 126 -2.14 -24.24 -19.92
CA ARG A 126 -3.22 -23.93 -19.00
C ARG A 126 -3.32 -22.44 -18.72
N ARG A 127 -2.23 -21.68 -18.87
CA ARG A 127 -2.31 -20.25 -18.69
C ARG A 127 -1.12 -19.57 -19.34
N VAL A 128 -1.40 -18.43 -19.95
CA VAL A 128 -0.37 -17.57 -20.50
C VAL A 128 -0.25 -16.36 -19.59
N ILE A 129 0.97 -16.07 -19.15
CA ILE A 129 1.26 -14.86 -18.40
C ILE A 129 1.97 -13.91 -19.35
N LEU A 130 1.36 -12.76 -19.59
CA LEU A 130 1.94 -11.74 -20.45
C LEU A 130 2.62 -10.68 -19.59
N THR A 131 3.88 -10.41 -19.89
CA THR A 131 4.60 -9.34 -19.19
C THR A 131 4.41 -8.05 -19.98
N SER A 132 3.57 -7.16 -19.45
CA SER A 132 3.43 -5.83 -20.03
C SER A 132 4.10 -4.79 -19.13
N SER A 133 3.43 -3.67 -18.90
CA SER A 133 4.09 -2.55 -18.25
C SER A 133 3.06 -1.49 -17.90
N VAL A 134 3.31 -0.74 -16.82
CA VAL A 134 2.37 0.34 -16.47
C VAL A 134 2.35 1.42 -17.54
N ALA A 135 3.25 1.33 -18.53
CA ALA A 135 3.15 2.18 -19.71
C ALA A 135 1.78 2.03 -20.36
N ALA A 136 1.12 0.90 -20.15
CA ALA A 136 -0.24 0.67 -20.65
C ALA A 136 -1.30 1.07 -19.65
N VAL A 137 -0.92 1.77 -18.57
CA VAL A 137 -1.86 2.10 -17.51
C VAL A 137 -1.92 3.62 -17.31
N TYR A 138 -0.76 4.27 -17.30
CA TYR A 138 -0.66 5.59 -16.67
C TYR A 138 -1.10 6.74 -17.57
N PHE A 139 -1.05 6.60 -18.89
CA PHE A 139 -1.26 7.80 -19.70
C PHE A 139 -2.72 8.20 -19.79
N ARG A 140 -3.12 9.05 -18.85
CA ARG A 140 -4.50 9.48 -18.70
C ARG A 140 -4.49 10.99 -18.75
N PRO A 141 -4.43 11.57 -19.95
CA PRO A 141 -4.30 13.03 -20.04
C PRO A 141 -5.46 13.76 -19.39
N ASP A 142 -6.64 13.13 -19.25
CA ASP A 142 -7.72 13.74 -18.48
C ASP A 142 -7.32 13.94 -17.02
N LEU A 143 -6.41 13.13 -16.49
CA LEU A 143 -6.08 13.12 -15.07
C LEU A 143 -4.73 13.77 -14.75
N LEU A 144 -3.72 13.55 -15.61
CA LEU A 144 -2.50 14.33 -15.50
C LEU A 144 -2.81 15.78 -15.83
N GLY A 145 -2.37 16.69 -14.98
CA GLY A 145 -2.58 18.11 -15.24
C GLY A 145 -3.91 18.66 -14.81
N ASP A 146 -4.83 17.84 -14.29
CA ASP A 146 -5.99 18.42 -13.62
C ASP A 146 -5.65 18.93 -12.22
N GLY A 147 -4.41 18.75 -11.78
CA GLY A 147 -3.99 19.28 -10.51
C GLY A 147 -4.39 18.47 -9.28
N HIS A 148 -5.15 17.40 -9.43
CA HIS A 148 -5.47 16.56 -8.29
C HIS A 148 -4.60 15.31 -8.28
N GLY A 149 -4.57 14.66 -7.09
CA GLY A 149 -3.98 13.35 -7.00
C GLY A 149 -4.93 12.28 -7.54
N HIS A 150 -4.35 11.16 -7.93
CA HIS A 150 -5.15 10.05 -8.43
C HIS A 150 -4.48 8.75 -8.07
N VAL A 151 -5.28 7.74 -7.74
CA VAL A 151 -4.82 6.36 -7.63
C VAL A 151 -5.33 5.64 -8.88
N LEU A 152 -4.42 5.34 -9.81
CA LEU A 152 -4.78 4.57 -10.98
C LEU A 152 -4.74 3.08 -10.67
N ASP A 153 -5.71 2.33 -11.21
CA ASP A 153 -5.74 0.90 -10.95
C ASP A 153 -5.83 0.19 -12.30
N GLU A 154 -6.14 -1.10 -12.26
CA GLU A 154 -6.12 -1.95 -13.44
C GLU A 154 -7.22 -1.59 -14.44
N ASP A 155 -8.21 -0.79 -14.05
CA ASP A 155 -9.20 -0.33 -15.02
C ASP A 155 -8.69 0.84 -15.85
N SER A 156 -7.50 1.36 -15.54
CA SER A 156 -6.94 2.49 -16.26
C SER A 156 -6.13 1.98 -17.45
N TRP A 157 -6.39 2.56 -18.62
CA TRP A 157 -5.68 2.21 -19.84
C TRP A 157 -5.08 3.48 -20.45
N SER A 158 -3.84 3.39 -20.91
CA SER A 158 -3.22 4.54 -21.56
C SER A 158 -4.02 4.93 -22.81
N ASP A 159 -4.18 6.24 -23.01
CA ASP A 159 -5.07 6.80 -24.03
C ASP A 159 -4.40 6.72 -25.42
N VAL A 160 -4.68 5.62 -26.11
CA VAL A 160 -4.04 5.36 -27.41
C VAL A 160 -4.36 6.47 -28.41
N ASP A 161 -5.61 6.92 -28.45
CA ASP A 161 -5.99 7.94 -29.42
C ASP A 161 -5.23 9.23 -29.15
N PHE A 162 -5.25 9.70 -27.90
CA PHE A 162 -4.51 10.91 -27.57
C PHE A 162 -3.04 10.75 -27.92
N LEU A 163 -2.47 9.56 -27.68
CA LEU A 163 -1.03 9.37 -27.95
C LEU A 163 -0.73 9.45 -29.44
N ARG A 164 -1.56 8.83 -30.28
CA ARG A 164 -1.36 8.92 -31.72
C ARG A 164 -1.58 10.34 -32.23
N ALA A 165 -2.59 11.03 -31.70
CA ALA A 165 -2.86 12.40 -32.13
C ALA A 165 -1.68 13.32 -31.82
N HIS A 166 -1.13 13.22 -30.61
CA HIS A 166 -0.14 14.20 -30.16
C HIS A 166 1.28 13.67 -30.08
N LYS A 167 1.49 12.36 -30.20
CA LYS A 167 2.82 11.74 -30.28
C LYS A 167 3.84 12.37 -29.30
N PRO A 168 3.55 12.36 -28.01
CA PRO A 168 4.58 12.78 -27.04
C PRO A 168 5.72 11.77 -26.99
N PRO A 169 6.76 12.03 -26.20
CA PRO A 169 7.89 11.10 -26.15
C PRO A 169 7.48 9.75 -25.58
N THR A 170 7.98 8.68 -26.18
CA THR A 170 7.67 7.29 -25.85
C THR A 170 6.24 6.91 -26.22
N TRP A 171 5.59 7.66 -27.13
CA TRP A 171 4.19 7.37 -27.44
C TRP A 171 4.04 5.99 -28.05
N SER A 172 4.92 5.61 -28.97
CA SER A 172 4.77 4.30 -29.62
C SER A 172 4.94 3.17 -28.61
N HIS A 173 5.74 3.40 -27.57
CA HIS A 173 5.89 2.37 -26.53
C HIS A 173 4.57 2.12 -25.81
N CYS A 174 3.94 3.17 -25.30
CA CYS A 174 2.67 2.98 -24.60
C CYS A 174 1.62 2.37 -25.53
N VAL A 175 1.57 2.84 -26.78
CA VAL A 175 0.58 2.31 -27.73
C VAL A 175 0.85 0.84 -28.00
N SER A 176 2.09 0.50 -28.34
CA SER A 176 2.47 -0.90 -28.51
C SER A 176 1.92 -1.76 -27.39
N LYS A 177 2.21 -1.37 -26.14
CA LYS A 177 1.79 -2.18 -25.00
C LYS A 177 0.28 -2.29 -24.91
N VAL A 178 -0.41 -1.15 -25.03
CA VAL A 178 -1.87 -1.19 -24.92
C VAL A 178 -2.45 -2.14 -25.98
N LEU A 179 -2.03 -1.96 -27.23
CA LEU A 179 -2.65 -2.71 -28.33
C LEU A 179 -2.28 -4.19 -28.27
N LEU A 180 -1.01 -4.51 -28.01
CA LEU A 180 -0.67 -5.92 -27.93
C LEU A 180 -1.39 -6.61 -26.78
N GLU A 181 -1.64 -5.88 -25.69
CA GLU A 181 -2.40 -6.48 -24.60
C GLU A 181 -3.85 -6.71 -25.01
N LYS A 182 -4.49 -5.68 -25.55
CA LYS A 182 -5.87 -5.83 -26.03
C LYS A 182 -5.96 -6.97 -27.06
N GLU A 183 -5.03 -7.00 -28.01
CA GLU A 183 -5.11 -8.01 -29.06
C GLU A 183 -4.92 -9.41 -28.48
N ALA A 184 -3.93 -9.58 -27.58
CA ALA A 184 -3.72 -10.91 -27.02
C ALA A 184 -4.93 -11.36 -26.22
N GLY A 185 -5.56 -10.43 -25.50
CA GLY A 185 -6.76 -10.78 -24.76
C GLY A 185 -7.88 -11.21 -25.69
N ARG A 186 -8.07 -10.47 -26.80
CA ARG A 186 -9.09 -10.85 -27.78
C ARG A 186 -8.81 -12.25 -28.32
N PHE A 187 -7.58 -12.48 -28.79
CA PHE A 187 -7.20 -13.80 -29.27
C PHE A 187 -7.44 -14.86 -28.21
N ALA A 188 -6.98 -14.62 -26.98
CA ALA A 188 -7.17 -15.61 -25.93
C ALA A 188 -8.66 -15.90 -25.72
N GLU A 189 -9.47 -14.85 -25.69
CA GLU A 189 -10.93 -14.99 -25.70
C GLU A 189 -11.38 -15.96 -26.78
N GLU A 190 -10.98 -15.71 -28.02
CA GLU A 190 -11.50 -16.46 -29.15
C GLU A 190 -11.14 -17.94 -29.09
N HIS A 191 -9.97 -18.27 -28.54
CA HIS A 191 -9.54 -19.66 -28.52
C HIS A 191 -9.66 -20.30 -27.14
N GLY A 192 -10.37 -19.67 -26.22
CA GLY A 192 -10.63 -20.31 -24.93
C GLY A 192 -9.39 -20.58 -24.10
N ILE A 193 -8.34 -19.78 -24.28
CA ILE A 193 -7.12 -19.90 -23.49
C ILE A 193 -7.12 -18.83 -22.39
N SER A 194 -6.67 -19.21 -21.20
CA SER A 194 -6.58 -18.28 -20.08
C SER A 194 -5.33 -17.42 -20.22
N LEU A 195 -5.52 -16.10 -20.20
CA LEU A 195 -4.42 -15.15 -20.30
C LEU A 195 -4.50 -14.18 -19.12
N VAL A 196 -3.38 -14.01 -18.42
CA VAL A 196 -3.26 -13.03 -17.35
C VAL A 196 -2.07 -12.14 -17.69
N THR A 197 -2.23 -10.84 -17.42
CA THR A 197 -1.22 -9.84 -17.72
C THR A 197 -0.74 -9.18 -16.45
N ILE A 198 0.57 -9.00 -16.35
CA ILE A 198 1.18 -8.30 -15.22
C ILE A 198 1.77 -7.01 -15.74
N LEU A 199 1.67 -5.94 -14.95
CA LEU A 199 2.06 -4.60 -15.36
C LEU A 199 3.11 -4.02 -14.39
N PRO A 200 4.38 -4.36 -14.57
CA PRO A 200 5.40 -3.86 -13.64
C PRO A 200 5.69 -2.37 -13.81
N VAL A 201 6.15 -1.76 -12.72
CA VAL A 201 6.76 -0.43 -12.72
C VAL A 201 8.26 -0.58 -12.99
N ILE A 202 9.09 0.39 -12.58
CA ILE A 202 10.53 0.24 -12.78
C ILE A 202 11.07 -0.96 -11.99
N VAL A 203 11.78 -1.86 -12.67
CA VAL A 203 12.21 -3.11 -12.07
C VAL A 203 13.68 -2.98 -11.64
N VAL A 204 13.97 -3.40 -10.42
CA VAL A 204 15.30 -3.25 -9.80
C VAL A 204 15.79 -4.61 -9.32
N GLY A 205 17.08 -4.88 -9.53
CA GLY A 205 17.69 -6.06 -8.95
C GLY A 205 18.56 -6.84 -9.93
N ALA A 206 19.36 -7.76 -9.39
CA ALA A 206 20.26 -8.57 -10.18
C ALA A 206 19.51 -9.70 -10.87
N ALA A 207 20.03 -10.12 -12.02
CA ALA A 207 19.51 -11.28 -12.73
C ALA A 207 20.64 -12.07 -13.39
N PRO A 208 20.36 -13.30 -13.84
CA PRO A 208 21.41 -14.08 -14.54
C PRO A 208 21.91 -13.45 -15.84
N ALA A 209 21.07 -12.71 -16.55
CA ALA A 209 21.45 -12.24 -17.88
C ALA A 209 22.77 -11.46 -17.84
N PRO A 210 23.74 -11.81 -18.70
CA PRO A 210 25.02 -11.10 -18.69
C PRO A 210 25.07 -9.83 -19.54
N LYS A 211 24.09 -9.60 -20.41
CA LYS A 211 24.10 -8.46 -21.30
C LYS A 211 22.84 -7.60 -21.16
N ALA A 212 22.31 -7.51 -19.95
CA ALA A 212 21.12 -6.70 -19.72
C ALA A 212 21.48 -5.23 -19.51
N ARG A 213 20.51 -4.37 -19.79
CA ARG A 213 20.61 -2.93 -19.57
C ARG A 213 19.24 -2.45 -19.10
N SER A 214 18.31 -2.36 -20.06
CA SER A 214 16.90 -2.16 -19.78
C SER A 214 16.68 -1.29 -18.55
N SER A 215 16.07 -1.86 -17.52
CA SER A 215 15.73 -1.08 -16.34
C SER A 215 16.96 -0.73 -15.53
N ILE A 216 17.98 -1.59 -15.57
CA ILE A 216 19.14 -1.35 -14.73
C ILE A 216 19.70 0.03 -15.00
N VAL A 217 19.72 0.45 -16.28
CA VAL A 217 20.29 1.77 -16.58
C VAL A 217 19.50 2.84 -15.86
N ASP A 218 18.17 2.74 -15.89
CA ASP A 218 17.34 3.78 -15.29
C ASP A 218 17.49 3.82 -13.77
N CYS A 219 17.30 2.67 -13.11
CA CYS A 219 17.28 2.66 -11.65
C CYS A 219 18.65 2.94 -11.07
N LEU A 220 19.72 2.78 -11.86
CA LEU A 220 21.09 3.09 -11.46
C LEU A 220 21.55 4.47 -11.93
N SER A 221 20.70 5.21 -12.64
CA SER A 221 21.18 6.39 -13.34
C SER A 221 21.73 7.44 -12.39
N MET A 222 21.23 7.51 -11.15
CA MET A 222 21.83 8.47 -10.23
C MET A 222 23.27 8.10 -9.89
N LEU A 223 23.60 6.81 -9.87
CA LEU A 223 24.96 6.41 -9.59
C LEU A 223 25.85 6.58 -10.81
N SER A 224 25.36 6.15 -11.99
CA SER A 224 26.15 6.26 -13.20
C SER A 224 26.19 7.68 -13.77
N GLY A 225 25.17 8.49 -13.47
CA GLY A 225 25.01 9.75 -14.17
C GLY A 225 24.56 9.64 -15.61
N ASP A 226 24.12 8.46 -16.05
CA ASP A 226 23.62 8.28 -17.41
C ASP A 226 22.47 9.25 -17.71
N GLU A 227 22.69 10.12 -18.69
CA GLU A 227 21.76 11.22 -18.91
C GLU A 227 20.39 10.75 -19.38
N ALA A 228 20.34 9.71 -20.21
CA ALA A 228 19.03 9.20 -20.62
C ALA A 228 18.24 8.67 -19.41
N GLY A 229 18.89 7.86 -18.57
CA GLY A 229 18.20 7.33 -17.41
C GLY A 229 17.75 8.41 -16.45
N LEU A 230 18.60 9.42 -16.24
CA LEU A 230 18.23 10.53 -15.36
C LEU A 230 17.03 11.28 -15.91
N ALA A 231 17.00 11.52 -17.22
CA ALA A 231 15.86 12.22 -17.80
C ALA A 231 14.59 11.39 -17.66
N MET A 232 14.69 10.09 -17.87
CA MET A 232 13.54 9.19 -17.68
C MET A 232 12.99 9.30 -16.27
N LEU A 233 13.86 9.25 -15.25
CA LEU A 233 13.39 9.36 -13.87
C LEU A 233 12.72 10.70 -13.63
N ARG A 234 13.35 11.79 -14.07
CA ARG A 234 12.78 13.11 -13.83
C ARG A 234 11.43 13.27 -14.55
N ALA A 235 11.29 12.68 -15.73
CA ALA A 235 10.04 12.77 -16.47
C ALA A 235 8.91 12.09 -15.70
N ILE A 236 9.18 10.88 -15.19
CA ILE A 236 8.16 10.18 -14.42
C ILE A 236 7.76 10.99 -13.20
N GLN A 237 8.73 11.56 -12.49
CA GLN A 237 8.38 12.32 -11.31
C GLN A 237 7.61 13.61 -11.65
N LYS A 238 8.00 14.30 -12.74
CA LYS A 238 7.26 15.51 -13.10
C LYS A 238 5.80 15.20 -13.42
N THR A 239 5.55 14.02 -13.98
CA THR A 239 4.20 13.57 -14.27
C THR A 239 3.47 13.07 -13.02
N SER A 240 4.11 12.17 -12.26
CA SER A 240 3.44 11.48 -11.17
C SER A 240 3.72 12.08 -9.79
N GLY A 241 4.75 12.90 -9.63
CA GLY A 241 5.11 13.37 -8.30
C GLY A 241 5.95 12.39 -7.51
N GLU A 242 6.37 11.30 -8.12
CA GLU A 242 7.08 10.18 -7.50
C GLU A 242 7.49 9.25 -8.65
N VAL A 243 8.33 8.25 -8.34
CA VAL A 243 8.53 7.11 -9.23
C VAL A 243 8.03 5.88 -8.49
N GLN A 244 7.98 4.76 -9.21
CA GLN A 244 7.51 3.52 -8.64
C GLN A 244 8.47 2.40 -9.00
N LEU A 245 8.76 1.55 -8.01
CA LEU A 245 9.81 0.54 -8.08
C LEU A 245 9.30 -0.81 -7.58
N VAL A 246 9.88 -1.86 -8.13
CA VAL A 246 9.62 -3.23 -7.68
C VAL A 246 10.88 -4.04 -7.88
N HIS A 247 11.16 -4.95 -6.94
CA HIS A 247 12.31 -5.82 -7.07
C HIS A 247 12.04 -6.89 -8.12
N VAL A 248 13.03 -7.16 -8.97
CA VAL A 248 12.85 -8.13 -10.04
C VAL A 248 12.40 -9.48 -9.49
N ASP A 249 12.88 -9.86 -8.29
CA ASP A 249 12.48 -11.17 -7.78
C ASP A 249 11.04 -11.18 -7.30
N ASP A 250 10.52 -10.05 -6.81
CA ASP A 250 9.11 -10.00 -6.51
C ASP A 250 8.29 -10.08 -7.80
N LEU A 251 8.75 -9.40 -8.86
CA LEU A 251 8.07 -9.50 -10.15
C LEU A 251 8.00 -10.95 -10.60
N CYS A 252 9.12 -11.68 -10.52
CA CYS A 252 9.10 -13.06 -10.98
C CYS A 252 8.17 -13.89 -10.12
N ARG A 253 8.17 -13.63 -8.79
CA ARG A 253 7.29 -14.40 -7.92
C ARG A 253 5.83 -14.07 -8.21
N ALA A 254 5.54 -12.79 -8.51
CA ALA A 254 4.18 -12.43 -8.89
C ALA A 254 3.76 -13.13 -10.18
N GLU A 255 4.67 -13.18 -11.17
CA GLU A 255 4.34 -13.87 -12.41
C GLU A 255 3.96 -15.33 -12.14
N LEU A 256 4.75 -16.03 -11.32
CA LEU A 256 4.45 -17.42 -10.99
C LEU A 256 3.22 -17.53 -10.13
N PHE A 257 3.00 -16.57 -9.23
CA PHE A 257 1.76 -16.57 -8.46
C PHE A 257 0.56 -16.53 -9.39
N LEU A 258 0.61 -15.65 -10.40
CA LEU A 258 -0.52 -15.53 -11.31
C LEU A 258 -0.70 -16.79 -12.14
N ALA A 259 0.40 -17.44 -12.52
CA ALA A 259 0.28 -18.70 -13.25
C ALA A 259 -0.40 -19.76 -12.41
N GLU A 260 -0.07 -19.85 -11.13
CA GLU A 260 -0.44 -20.99 -10.30
C GLU A 260 -1.79 -20.84 -9.61
N ASN A 261 -2.29 -19.63 -9.39
CA ASN A 261 -3.52 -19.44 -8.65
C ASN A 261 -4.69 -19.38 -9.63
N ALA A 262 -5.58 -20.39 -9.53
CA ALA A 262 -6.60 -20.58 -10.56
C ALA A 262 -7.49 -19.35 -10.69
N THR A 263 -7.81 -18.70 -9.57
CA THR A 263 -8.72 -17.57 -9.60
C THR A 263 -8.08 -16.31 -10.17
N ALA A 264 -6.77 -16.28 -10.42
CA ALA A 264 -6.22 -15.06 -11.00
C ALA A 264 -6.90 -14.80 -12.33
N ASN A 265 -7.17 -13.51 -12.60
CA ASN A 265 -7.92 -13.13 -13.78
C ASN A 265 -7.64 -11.69 -14.18
N GLY A 266 -7.49 -11.45 -15.47
CA GLY A 266 -7.32 -10.09 -15.97
C GLY A 266 -5.88 -9.60 -15.94
N ARG A 267 -5.69 -8.36 -15.50
CA ARG A 267 -4.37 -7.73 -15.47
C ARG A 267 -4.09 -7.26 -14.05
N TYR A 268 -2.80 -7.07 -13.75
CA TYR A 268 -2.30 -6.84 -12.39
C TYR A 268 -1.15 -5.84 -12.40
N ILE A 269 -1.31 -4.75 -11.66
CA ILE A 269 -0.17 -3.88 -11.42
C ILE A 269 0.80 -4.59 -10.49
N CYS A 270 2.09 -4.41 -10.73
CA CYS A 270 3.13 -4.96 -9.87
C CYS A 270 4.11 -3.86 -9.50
N SER A 271 4.10 -3.45 -8.24
CA SER A 271 4.82 -2.29 -7.75
C SER A 271 4.92 -2.42 -6.24
N ARG A 272 5.98 -1.83 -5.65
CA ARG A 272 6.08 -1.95 -4.18
C ARG A 272 6.42 -0.66 -3.46
N TYR A 273 7.42 0.09 -3.93
CA TYR A 273 7.91 1.28 -3.26
C TYR A 273 7.82 2.48 -4.18
N HIS A 274 7.31 3.61 -3.67
CA HIS A 274 7.02 4.80 -4.47
C HIS A 274 7.73 6.04 -3.92
N PRO A 275 9.03 6.17 -4.13
CA PRO A 275 9.76 7.33 -3.59
C PRO A 275 9.76 8.52 -4.55
N THR A 276 9.86 9.71 -3.97
CA THR A 276 10.36 10.85 -4.73
C THR A 276 11.82 10.62 -5.09
N LEU A 277 12.30 11.38 -6.09
CA LEU A 277 13.69 11.26 -6.47
C LEU A 277 14.60 11.75 -5.34
N VAL A 278 14.17 12.77 -4.59
CA VAL A 278 15.01 13.22 -3.49
C VAL A 278 15.12 12.14 -2.42
N GLU A 279 14.02 11.44 -2.11
CA GLU A 279 14.15 10.30 -1.20
C GLU A 279 15.10 9.25 -1.77
N LEU A 280 14.93 8.89 -3.05
CA LEU A 280 15.76 7.83 -3.61
C LEU A 280 17.23 8.24 -3.66
N ALA A 281 17.50 9.52 -3.95
CA ALA A 281 18.89 9.97 -4.04
C ALA A 281 19.53 10.03 -2.65
N THR A 282 18.77 10.49 -1.64
CA THR A 282 19.27 10.49 -0.28
C THR A 282 19.67 9.08 0.15
N PHE A 283 18.78 8.12 -0.06
CA PHE A 283 19.12 6.75 0.30
C PHE A 283 20.38 6.30 -0.43
N LEU A 284 20.42 6.53 -1.75
CA LEU A 284 21.56 6.04 -2.52
C LEU A 284 22.85 6.71 -2.08
N ALA A 285 22.81 8.01 -1.78
CA ALA A 285 24.04 8.70 -1.42
C ALA A 285 24.61 8.18 -0.11
N GLN A 286 23.73 7.82 0.83
CA GLN A 286 24.19 7.28 2.10
C GLN A 286 24.70 5.84 1.94
N LYS A 287 23.93 5.01 1.24
CA LYS A 287 24.30 3.61 1.16
C LYS A 287 25.50 3.39 0.26
N TYR A 288 25.70 4.20 -0.76
CA TYR A 288 26.77 4.01 -1.74
C TYR A 288 27.47 5.34 -1.98
N PRO A 289 28.14 5.86 -0.95
CA PRO A 289 28.77 7.18 -1.08
C PRO A 289 29.85 7.23 -2.15
N GLN A 290 30.34 6.09 -2.63
CA GLN A 290 31.46 6.11 -3.55
C GLN A 290 31.11 6.72 -4.91
N TYR A 291 29.83 6.95 -5.22
CA TYR A 291 29.45 7.50 -6.52
C TYR A 291 29.26 9.02 -6.52
N GLY A 292 29.29 9.68 -5.37
CA GLY A 292 29.18 11.12 -5.34
C GLY A 292 27.80 11.70 -5.58
N VAL A 293 26.74 10.94 -5.32
CA VAL A 293 25.40 11.45 -5.51
C VAL A 293 25.19 12.68 -4.64
N LYS A 294 24.61 13.73 -5.22
CA LYS A 294 24.23 14.94 -4.48
C LYS A 294 22.71 15.01 -4.44
N PRO A 295 22.06 14.64 -3.33
CA PRO A 295 20.59 14.64 -3.30
C PRO A 295 19.96 15.97 -3.68
N THR A 296 20.65 17.10 -3.48
CA THR A 296 20.04 18.38 -3.83
C THR A 296 19.85 18.53 -5.33
N ASP A 297 20.59 17.77 -6.14
CA ASP A 297 20.38 17.72 -7.58
C ASP A 297 18.96 17.31 -7.94
N PHE A 298 18.21 16.81 -6.96
CA PHE A 298 16.89 16.23 -7.22
C PHE A 298 15.80 16.86 -6.37
N ASP A 299 16.11 17.99 -5.72
CA ASP A 299 15.08 18.74 -5.03
C ASP A 299 14.00 19.17 -6.01
N ASP A 300 12.76 19.21 -5.53
CA ASP A 300 11.62 19.48 -6.40
C ASP A 300 10.46 19.88 -5.52
N GLU A 301 9.61 20.75 -6.06
CA GLU A 301 8.37 21.08 -5.38
C GLU A 301 7.47 19.84 -5.30
N GLU A 302 6.68 19.78 -4.23
CA GLU A 302 5.73 18.68 -4.09
C GLU A 302 4.64 18.83 -5.13
N ARG A 303 4.35 17.73 -5.85
CA ARG A 303 3.32 17.68 -6.87
C ARG A 303 2.21 16.73 -6.44
N PRO A 304 1.00 16.90 -6.97
CA PRO A 304 -0.06 15.92 -6.69
C PRO A 304 0.40 14.55 -7.14
N ARG A 305 0.01 13.53 -6.37
CA ARG A 305 0.46 12.17 -6.62
C ARG A 305 -0.48 11.47 -7.59
N VAL A 306 0.05 11.05 -8.72
CA VAL A 306 -0.63 10.14 -9.63
C VAL A 306 0.07 8.80 -9.48
N THR A 307 -0.50 7.92 -8.66
CA THR A 307 0.20 6.73 -8.21
C THR A 307 -0.56 5.49 -8.66
N MET A 308 0.12 4.34 -8.62
CA MET A 308 -0.46 3.05 -8.98
C MET A 308 -0.98 2.33 -7.75
N SER A 309 -2.16 1.72 -7.88
CA SER A 309 -2.70 0.92 -6.79
C SER A 309 -1.97 -0.41 -6.69
N LEU A 310 -1.58 -0.78 -5.48
CA LEU A 310 -0.90 -2.04 -5.22
C LEU A 310 -1.86 -3.12 -4.76
N GLU A 311 -3.17 -2.86 -4.77
CA GLU A 311 -4.04 -3.70 -3.95
C GLU A 311 -4.45 -5.00 -4.62
N LYS A 312 -4.44 -5.09 -5.95
CA LYS A 312 -5.03 -6.27 -6.56
C LYS A 312 -4.25 -7.54 -6.21
N LEU A 313 -2.94 -7.56 -6.47
CA LEU A 313 -2.16 -8.74 -6.10
C LEU A 313 -2.28 -9.02 -4.61
N ILE A 314 -2.25 -7.97 -3.78
CA ILE A 314 -2.36 -8.16 -2.33
C ILE A 314 -3.70 -8.80 -1.99
N ARG A 315 -4.78 -8.25 -2.54
CA ARG A 315 -6.13 -8.80 -2.33
C ARG A 315 -6.17 -10.29 -2.61
N GLU A 316 -5.45 -10.75 -3.62
CA GLU A 316 -5.54 -12.14 -4.03
C GLU A 316 -4.56 -13.06 -3.30
N GLY A 317 -3.78 -12.52 -2.35
CA GLY A 317 -2.97 -13.33 -1.48
C GLY A 317 -1.48 -13.25 -1.73
N PHE A 318 -1.03 -12.44 -2.68
CA PHE A 318 0.39 -12.39 -2.97
C PHE A 318 1.09 -11.54 -1.94
N GLU A 319 2.36 -11.84 -1.70
CA GLU A 319 3.15 -11.13 -0.71
C GLU A 319 4.49 -10.75 -1.31
N TYR A 320 4.81 -9.45 -1.26
CA TYR A 320 6.12 -8.98 -1.67
C TYR A 320 7.14 -9.26 -0.57
N LYS A 321 8.37 -9.60 -0.99
CA LYS A 321 9.44 -9.85 -0.03
C LYS A 321 10.45 -8.72 0.07
N HIS A 322 10.54 -7.85 -0.94
CA HIS A 322 11.41 -6.67 -0.89
C HIS A 322 10.54 -5.45 -0.66
N ASN A 323 10.42 -5.03 0.61
CA ASN A 323 9.40 -4.08 0.98
C ASN A 323 9.90 -2.68 1.34
N THR A 324 11.16 -2.52 1.72
CA THR A 324 11.73 -1.20 1.93
C THR A 324 12.56 -0.82 0.72
N LEU A 325 12.88 0.47 0.65
CA LEU A 325 13.72 0.94 -0.44
C LEU A 325 15.04 0.20 -0.44
N GLU A 326 15.64 0.08 0.76
CA GLU A 326 16.92 -0.62 0.87
C GLU A 326 16.82 -2.07 0.39
N GLU A 327 15.76 -2.77 0.77
CA GLU A 327 15.59 -4.14 0.28
C GLU A 327 15.37 -4.18 -1.22
N ILE A 328 14.71 -3.16 -1.79
CA ILE A 328 14.54 -3.17 -3.24
C ILE A 328 15.87 -2.99 -3.94
N TYR A 329 16.79 -2.21 -3.34
CA TYR A 329 18.12 -2.01 -3.88
C TYR A 329 19.14 -2.98 -3.27
N ASP A 330 18.71 -4.16 -2.80
CA ASP A 330 19.62 -5.02 -2.04
C ASP A 330 20.81 -5.52 -2.86
N ASN A 331 20.65 -5.73 -4.18
CA ASN A 331 21.72 -6.36 -4.95
C ASN A 331 21.93 -5.79 -6.36
N VAL A 332 21.26 -4.69 -6.72
CA VAL A 332 21.35 -4.18 -8.09
C VAL A 332 22.70 -3.48 -8.35
N VAL A 333 23.30 -2.86 -7.33
CA VAL A 333 24.54 -2.14 -7.59
C VAL A 333 25.64 -3.10 -8.04
N GLU A 334 25.76 -4.24 -7.36
CA GLU A 334 26.77 -5.21 -7.75
C GLU A 334 26.51 -5.72 -9.16
N TYR A 335 25.23 -5.92 -9.49
CA TYR A 335 24.88 -6.31 -10.85
C TYR A 335 25.36 -5.27 -11.86
N GLY A 336 25.04 -4.00 -11.59
CA GLY A 336 25.47 -2.93 -12.48
C GLY A 336 26.99 -2.88 -12.64
N LYS A 337 27.73 -3.07 -11.54
CA LYS A 337 29.18 -3.16 -11.63
C LYS A 337 29.59 -4.30 -12.56
N ALA A 338 29.03 -5.49 -12.34
CA ALA A 338 29.40 -6.63 -13.17
C ALA A 338 29.05 -6.39 -14.63
N LEU A 339 27.97 -5.65 -14.91
CA LEU A 339 27.57 -5.41 -16.28
C LEU A 339 28.34 -4.26 -16.93
N GLY A 340 29.15 -3.54 -16.19
CA GLY A 340 29.79 -2.36 -16.75
C GLY A 340 28.91 -1.15 -16.82
N ILE A 341 27.68 -1.24 -16.33
CA ILE A 341 26.83 -0.05 -16.26
C ILE A 341 27.40 0.93 -15.26
N LEU A 342 27.93 0.42 -14.15
CA LEU A 342 28.66 1.31 -13.28
C LEU A 342 30.16 1.15 -13.52
N PRO A 343 30.91 2.24 -13.54
CA PRO A 343 32.35 2.13 -13.84
C PRO A 343 33.17 1.47 -12.71
N TYR A 344 32.63 1.39 -11.50
CA TYR A 344 33.28 0.70 -10.38
C TYR A 344 32.27 0.38 -9.28
N MET B 11 -32.87 -7.67 12.34
CA MET B 11 -32.10 -6.48 12.66
C MET B 11 -31.16 -6.69 13.85
N LYS B 12 -29.86 -6.61 13.59
CA LYS B 12 -28.86 -6.83 14.62
C LYS B 12 -28.66 -5.58 15.47
N THR B 13 -28.06 -5.77 16.64
CA THR B 13 -27.92 -4.69 17.61
C THR B 13 -26.47 -4.56 18.06
N ALA B 14 -25.99 -3.33 18.16
CA ALA B 14 -24.59 -3.08 18.47
C ALA B 14 -24.48 -1.96 19.50
N CYS B 15 -23.49 -2.08 20.36
CA CYS B 15 -23.18 -1.06 21.36
C CYS B 15 -21.88 -0.35 20.99
N VAL B 16 -21.88 0.97 21.10
CA VAL B 16 -20.69 1.79 20.96
C VAL B 16 -20.46 2.49 22.30
N THR B 17 -19.33 2.22 22.92
CA THR B 17 -18.99 2.89 24.17
C THR B 17 -18.48 4.30 23.88
N GLY B 18 -18.96 5.25 24.67
CA GLY B 18 -18.48 6.62 24.56
C GLY B 18 -19.05 7.33 23.36
N GLY B 19 -20.38 7.40 23.28
CA GLY B 19 -21.05 8.07 22.18
C GLY B 19 -20.80 9.56 22.08
N SER B 20 -20.33 10.20 23.16
CA SER B 20 -20.01 11.63 23.09
C SER B 20 -18.78 11.89 22.23
N GLY B 21 -17.94 10.87 21.98
CA GLY B 21 -16.62 11.10 21.44
C GLY B 21 -16.56 11.19 19.92
N TYR B 22 -15.38 11.58 19.44
CA TYR B 22 -15.12 11.76 18.02
C TYR B 22 -15.42 10.49 17.23
N ILE B 23 -14.58 9.46 17.41
CA ILE B 23 -14.75 8.23 16.65
C ILE B 23 -16.07 7.54 16.99
N GLY B 24 -16.45 7.53 18.27
CA GLY B 24 -17.69 6.89 18.66
C GLY B 24 -18.90 7.45 17.92
N SER B 25 -19.00 8.78 17.85
CA SER B 25 -20.16 9.36 17.17
C SER B 25 -20.18 8.96 15.70
N ALA B 26 -19.01 8.91 15.06
CA ALA B 26 -18.96 8.51 13.66
C ALA B 26 -19.30 7.04 13.49
N LEU B 27 -18.88 6.20 14.44
CA LEU B 27 -19.25 4.80 14.40
C LEU B 27 -20.77 4.63 14.53
N ILE B 28 -21.37 5.28 15.53
CA ILE B 28 -22.82 5.22 15.68
C ILE B 28 -23.53 5.59 14.38
N LYS B 29 -23.11 6.68 13.76
CA LYS B 29 -23.75 7.15 12.54
C LYS B 29 -23.71 6.06 11.46
N LEU B 30 -22.52 5.50 11.21
CA LEU B 30 -22.41 4.43 10.22
C LEU B 30 -23.32 3.26 10.56
N LEU B 31 -23.32 2.83 11.84
CA LEU B 31 -24.13 1.68 12.24
C LEU B 31 -25.61 1.92 11.93
N LEU B 32 -26.11 3.14 12.19
CA LEU B 32 -27.50 3.43 11.90
C LEU B 32 -27.77 3.41 10.40
N GLU B 33 -26.89 4.02 9.61
CA GLU B 33 -27.08 4.00 8.17
C GLU B 33 -27.14 2.57 7.63
N LYS B 34 -26.37 1.66 8.22
CA LYS B 34 -26.34 0.27 7.78
C LYS B 34 -27.44 -0.57 8.42
N GLY B 35 -28.43 0.07 9.05
CA GLY B 35 -29.60 -0.63 9.55
C GLY B 35 -29.46 -1.29 10.90
N TYR B 36 -28.42 -0.96 11.67
CA TYR B 36 -28.30 -1.53 13.00
C TYR B 36 -29.16 -0.77 13.99
N ALA B 37 -29.60 -1.48 15.02
CA ALA B 37 -30.06 -0.82 16.24
C ALA B 37 -28.85 -0.59 17.11
N VAL B 38 -28.74 0.60 17.71
CA VAL B 38 -27.53 0.99 18.42
C VAL B 38 -27.86 1.37 19.85
N LYS B 39 -27.04 0.89 20.77
CA LYS B 39 -26.98 1.35 22.14
C LYS B 39 -25.61 1.98 22.35
N THR B 40 -25.58 3.10 23.07
CA THR B 40 -24.33 3.78 23.35
C THR B 40 -24.33 4.26 24.78
N THR B 41 -23.14 4.52 25.29
CA THR B 41 -22.94 4.99 26.66
C THR B 41 -22.28 6.36 26.64
N VAL B 42 -22.71 7.19 27.59
CA VAL B 42 -22.07 8.47 27.90
C VAL B 42 -22.06 8.57 29.41
N ARG B 43 -21.31 9.53 29.94
CA ARG B 43 -21.23 9.62 31.39
C ARG B 43 -22.31 10.52 32.00
N ASN B 44 -23.01 11.30 31.19
CA ASN B 44 -24.12 12.13 31.69
C ASN B 44 -25.11 12.33 30.58
N PRO B 45 -26.04 11.38 30.38
CA PRO B 45 -27.04 11.54 29.32
C PRO B 45 -27.81 12.85 29.39
N ASP B 46 -27.83 13.52 30.55
CA ASP B 46 -28.59 14.76 30.65
C ASP B 46 -27.84 15.97 30.12
N ASP B 47 -26.55 15.82 29.78
CA ASP B 47 -25.75 16.89 29.19
C ASP B 47 -26.10 16.98 27.72
N MET B 48 -27.11 17.79 27.38
CA MET B 48 -27.50 17.85 25.97
C MET B 48 -26.61 18.77 25.15
N GLU B 49 -25.81 19.61 25.77
CA GLU B 49 -24.79 20.34 24.99
C GLU B 49 -23.78 19.36 24.40
N LYS B 50 -23.22 18.50 25.25
CA LYS B 50 -22.24 17.51 24.81
C LYS B 50 -22.85 16.43 23.92
N ASN B 51 -24.15 16.15 24.07
CA ASN B 51 -24.75 14.99 23.44
C ASN B 51 -25.88 15.34 22.48
N SER B 52 -25.95 16.59 22.04
CA SER B 52 -26.98 16.99 21.08
C SER B 52 -27.02 16.06 19.86
N HIS B 53 -25.84 15.59 19.41
CA HIS B 53 -25.82 14.77 18.20
C HIS B 53 -26.58 13.47 18.38
N LEU B 54 -26.63 12.96 19.61
CA LEU B 54 -27.32 11.70 19.83
C LEU B 54 -28.82 11.84 19.55
N LYS B 55 -29.40 13.01 19.85
CA LYS B 55 -30.79 13.27 19.47
C LYS B 55 -30.92 13.29 17.96
N ASP B 56 -30.08 14.08 17.27
CA ASP B 56 -30.10 14.11 15.81
C ASP B 56 -30.02 12.70 15.22
N LEU B 57 -29.07 11.89 15.69
CA LEU B 57 -28.84 10.59 15.09
C LEU B 57 -30.04 9.66 15.26
N GLN B 58 -30.86 9.87 16.29
CA GLN B 58 -32.05 9.05 16.48
C GLN B 58 -32.99 9.13 15.29
N LYS B 59 -32.83 10.16 14.45
CA LYS B 59 -33.64 10.28 13.24
C LYS B 59 -33.19 9.31 12.15
N LEU B 60 -32.06 8.61 12.34
CA LEU B 60 -31.58 7.65 11.36
C LEU B 60 -32.00 6.22 11.69
N GLY B 61 -32.34 5.94 12.93
CA GLY B 61 -32.67 4.59 13.34
C GLY B 61 -32.68 4.49 14.85
N PRO B 62 -32.90 3.28 15.34
CA PRO B 62 -33.07 3.09 16.80
C PRO B 62 -31.76 3.37 17.53
N LEU B 63 -31.78 4.39 18.40
CA LEU B 63 -30.61 4.77 19.18
C LEU B 63 -31.02 4.98 20.64
N THR B 64 -30.37 4.25 21.53
CA THR B 64 -30.66 4.28 22.96
C THR B 64 -29.41 4.68 23.73
N VAL B 65 -29.55 5.65 24.63
CA VAL B 65 -28.43 6.16 25.40
C VAL B 65 -28.45 5.57 26.79
N PHE B 66 -27.29 5.19 27.29
CA PHE B 66 -27.13 4.68 28.64
C PHE B 66 -26.02 5.48 29.33
N ARG B 67 -26.11 5.55 30.66
CA ARG B 67 -25.03 6.10 31.45
C ARG B 67 -24.11 4.97 31.91
N ALA B 68 -22.81 5.21 31.80
CA ALA B 68 -21.84 4.20 32.23
C ALA B 68 -20.48 4.86 32.38
N ASP B 69 -19.63 4.25 33.21
CA ASP B 69 -18.29 4.78 33.42
C ASP B 69 -17.33 3.61 33.60
N MET B 70 -16.20 3.68 32.91
CA MET B 70 -15.26 2.57 32.91
C MET B 70 -14.71 2.28 34.30
N ASP B 71 -14.69 3.29 35.18
CA ASP B 71 -14.23 3.09 36.55
C ASP B 71 -15.29 2.52 37.46
N GLU B 72 -16.53 2.40 37.00
CA GLU B 72 -17.65 1.95 37.80
C GLU B 72 -18.02 0.53 37.36
N GLU B 73 -17.63 -0.45 38.18
CA GLU B 73 -17.83 -1.86 37.82
C GLU B 73 -19.29 -2.14 37.54
N GLY B 74 -19.54 -2.85 36.44
CA GLY B 74 -20.88 -3.26 36.08
C GLY B 74 -21.70 -2.23 35.33
N SER B 75 -21.25 -0.97 35.26
CA SER B 75 -22.12 0.08 34.74
C SER B 75 -22.48 -0.10 33.28
N PHE B 76 -21.72 -0.92 32.53
CA PHE B 76 -22.05 -1.17 31.13
C PHE B 76 -23.01 -2.33 30.92
N ASP B 77 -23.39 -3.04 31.99
CA ASP B 77 -24.25 -4.21 31.86
C ASP B 77 -25.45 -3.93 30.96
N ASP B 78 -26.23 -2.90 31.30
CA ASP B 78 -27.47 -2.63 30.56
C ASP B 78 -27.20 -2.25 29.11
N ALA B 79 -26.10 -1.55 28.84
CA ALA B 79 -25.89 -1.04 27.48
C ALA B 79 -25.45 -2.16 26.53
N VAL B 80 -24.59 -3.07 26.99
CA VAL B 80 -24.17 -4.14 26.09
C VAL B 80 -25.19 -5.27 26.04
N ALA B 81 -26.09 -5.34 27.01
CA ALA B 81 -27.07 -6.43 27.04
C ALA B 81 -27.85 -6.49 25.74
N GLY B 82 -27.99 -7.69 25.19
CA GLY B 82 -28.75 -7.88 23.96
C GLY B 82 -28.05 -7.45 22.70
N CYS B 83 -26.77 -7.13 22.75
CA CYS B 83 -26.05 -6.67 21.56
C CYS B 83 -25.38 -7.83 20.85
N ASP B 84 -25.45 -7.81 19.52
CA ASP B 84 -24.66 -8.74 18.72
C ASP B 84 -23.18 -8.38 18.77
N TYR B 85 -22.86 -7.10 18.55
CA TYR B 85 -21.49 -6.61 18.54
C TYR B 85 -21.33 -5.49 19.56
N VAL B 86 -20.12 -5.39 20.11
CA VAL B 86 -19.76 -4.32 21.04
C VAL B 86 -18.49 -3.66 20.52
N PHE B 87 -18.56 -2.35 20.28
CA PHE B 87 -17.40 -1.56 19.86
C PHE B 87 -16.88 -0.82 21.07
N LEU B 88 -15.70 -1.22 21.55
CA LEU B 88 -15.05 -0.58 22.69
C LEU B 88 -14.23 0.57 22.14
N VAL B 89 -14.80 1.77 22.17
CA VAL B 89 -14.17 2.97 21.66
C VAL B 89 -13.71 3.88 22.78
N ALA B 90 -14.53 4.03 23.83
CA ALA B 90 -14.20 4.94 24.92
C ALA B 90 -12.82 4.64 25.46
N ALA B 91 -12.12 5.70 25.88
CA ALA B 91 -10.73 5.66 26.31
C ALA B 91 -10.39 6.96 27.04
N PRO B 92 -9.61 6.91 28.12
CA PRO B 92 -9.23 8.15 28.82
C PRO B 92 -8.39 9.08 27.97
N LEU B 93 -8.57 10.39 28.19
CA LEU B 93 -7.85 11.38 27.39
C LEU B 93 -6.34 11.29 27.60
N HIS B 94 -5.91 11.12 28.85
CA HIS B 94 -4.49 11.01 29.18
C HIS B 94 -3.83 12.38 29.29
N PHE B 95 -3.77 12.90 30.52
CA PHE B 95 -3.05 14.12 30.83
C PHE B 95 -1.89 13.78 31.76
N GLU B 96 -0.75 14.42 31.54
CA GLU B 96 0.46 14.15 32.32
C GLU B 96 0.12 13.97 33.79
N ALA B 97 0.41 12.80 34.33
CA ALA B 97 0.05 12.43 35.69
C ALA B 97 1.30 12.14 36.50
N GLN B 98 1.25 12.47 37.80
CA GLN B 98 2.41 12.21 38.64
C GLN B 98 2.74 10.72 38.68
N ASP B 99 1.73 9.86 38.74
CA ASP B 99 1.90 8.41 38.75
C ASP B 99 1.14 7.81 37.57
N PRO B 100 1.75 7.80 36.38
CA PRO B 100 1.05 7.24 35.21
C PRO B 100 0.63 5.80 35.41
N GLU B 101 1.45 5.00 36.09
CA GLU B 101 1.06 3.62 36.35
C GLU B 101 -0.26 3.54 37.10
N LYS B 102 -0.40 4.33 38.17
CA LYS B 102 -1.57 4.25 39.03
C LYS B 102 -2.75 5.07 38.53
N GLU B 103 -2.49 6.19 37.87
CA GLU B 103 -3.58 7.05 37.42
C GLU B 103 -4.04 6.77 35.99
N GLN B 104 -3.21 6.14 35.18
CA GLN B 104 -3.55 5.94 33.77
C GLN B 104 -3.48 4.48 33.35
N ILE B 105 -2.31 3.84 33.52
CA ILE B 105 -2.09 2.52 32.93
C ILE B 105 -3.01 1.48 33.56
N GLU B 106 -2.89 1.29 34.88
CA GLU B 106 -3.75 0.33 35.57
C GLU B 106 -5.22 0.63 35.40
N PRO B 107 -5.70 1.87 35.48
CA PRO B 107 -7.12 2.11 35.23
C PRO B 107 -7.53 1.84 33.78
N ALA B 108 -6.63 2.01 32.82
CA ALA B 108 -7.00 1.68 31.43
C ALA B 108 -7.22 0.18 31.29
N ILE B 109 -6.37 -0.63 31.92
CA ILE B 109 -6.58 -2.08 31.93
C ILE B 109 -7.89 -2.41 32.62
N GLN B 110 -8.05 -1.97 33.86
CA GLN B 110 -9.23 -2.30 34.64
C GLN B 110 -10.51 -1.85 33.92
N GLY B 111 -10.52 -0.64 33.39
CA GLY B 111 -11.71 -0.17 32.71
C GLY B 111 -12.05 -1.02 31.49
N THR B 112 -11.02 -1.50 30.79
CA THR B 112 -11.26 -2.37 29.64
C THR B 112 -11.85 -3.69 30.09
N LEU B 113 -11.24 -4.32 31.09
CA LEU B 113 -11.80 -5.55 31.67
C LEU B 113 -13.22 -5.33 32.16
N ASN B 114 -13.46 -4.24 32.88
CA ASN B 114 -14.81 -3.94 33.36
C ASN B 114 -15.84 -4.10 32.24
N THR B 115 -15.54 -3.52 31.07
CA THR B 115 -16.47 -3.62 29.95
C THR B 115 -16.50 -5.01 29.35
N MET B 116 -15.35 -5.68 29.28
CA MET B 116 -15.31 -7.06 28.79
C MET B 116 -16.28 -7.93 29.59
N ARG B 117 -16.21 -7.84 30.92
CA ARG B 117 -17.13 -8.58 31.78
C ARG B 117 -18.59 -8.36 31.38
N SER B 118 -18.98 -7.11 31.15
CA SER B 118 -20.37 -6.86 30.80
C SER B 118 -20.73 -7.56 29.48
N CYS B 119 -19.76 -7.70 28.58
CA CYS B 119 -19.99 -8.38 27.30
C CYS B 119 -20.26 -9.87 27.52
N VAL B 120 -19.41 -10.52 28.32
CA VAL B 120 -19.67 -11.90 28.72
C VAL B 120 -21.07 -12.02 29.31
N LYS B 121 -21.32 -11.29 30.39
CA LYS B 121 -22.60 -11.31 31.08
C LYS B 121 -23.80 -11.22 30.13
N ALA B 122 -23.67 -10.48 29.04
CA ALA B 122 -24.79 -10.36 28.11
C ALA B 122 -25.10 -11.70 27.42
N GLY B 123 -24.10 -12.57 27.29
CA GLY B 123 -24.26 -13.82 26.61
C GLY B 123 -24.55 -13.74 25.12
N THR B 124 -24.84 -12.57 24.59
CA THR B 124 -25.26 -12.43 23.20
C THR B 124 -24.18 -11.87 22.29
N VAL B 125 -23.00 -11.54 22.80
CA VAL B 125 -22.02 -10.76 22.03
C VAL B 125 -21.29 -11.70 21.08
N ARG B 126 -21.60 -11.61 19.79
CA ARG B 126 -20.85 -12.37 18.79
C ARG B 126 -19.39 -11.92 18.74
N ARG B 127 -19.14 -10.61 18.75
CA ARG B 127 -17.77 -10.12 18.66
C ARG B 127 -17.62 -8.79 19.38
N VAL B 128 -16.44 -8.59 19.96
CA VAL B 128 -16.04 -7.31 20.53
C VAL B 128 -14.94 -6.73 19.65
N ILE B 129 -15.13 -5.49 19.20
CA ILE B 129 -14.14 -4.75 18.41
C ILE B 129 -13.53 -3.68 19.32
N LEU B 130 -12.23 -3.81 19.60
CA LEU B 130 -11.51 -2.87 20.44
C LEU B 130 -10.85 -1.81 19.55
N THR B 131 -11.17 -0.54 19.79
CA THR B 131 -10.49 0.56 19.11
C THR B 131 -9.24 0.89 19.90
N SER B 132 -8.08 0.64 19.30
CA SER B 132 -6.83 1.07 19.92
C SER B 132 -6.10 2.03 19.01
N SER B 133 -4.79 1.88 18.84
CA SER B 133 -4.06 2.77 17.94
C SER B 133 -2.66 2.21 17.72
N VAL B 134 -1.96 2.78 16.74
CA VAL B 134 -0.61 2.31 16.39
C VAL B 134 0.35 2.70 17.50
N ALA B 135 -0.15 3.40 18.51
CA ALA B 135 0.66 3.65 19.69
C ALA B 135 1.08 2.33 20.34
N ALA B 136 0.31 1.27 20.12
CA ALA B 136 0.63 -0.07 20.60
C ALA B 136 1.48 -0.86 19.61
N VAL B 137 1.88 -0.25 18.49
CA VAL B 137 2.59 -0.94 17.43
C VAL B 137 3.99 -0.38 17.24
N TYR B 138 4.12 0.95 17.22
CA TYR B 138 5.27 1.58 16.60
C TYR B 138 6.50 1.72 17.49
N PHE B 139 6.37 1.69 18.82
CA PHE B 139 7.53 2.08 19.63
C PHE B 139 8.47 0.88 19.75
N ARG B 140 9.38 0.80 18.79
CA ARG B 140 10.34 -0.28 18.65
C ARG B 140 11.74 0.30 18.73
N PRO B 141 12.42 0.17 19.88
CA PRO B 141 13.73 0.82 20.03
C PRO B 141 14.73 0.41 18.96
N ASP B 142 14.71 -0.86 18.54
CA ASP B 142 15.60 -1.30 17.47
C ASP B 142 15.23 -0.65 16.14
N LEU B 143 13.96 -0.80 15.73
CA LEU B 143 13.61 -0.35 14.38
C LEU B 143 13.68 1.18 14.27
N LEU B 144 13.32 1.88 15.35
CA LEU B 144 13.33 3.33 15.30
C LEU B 144 14.76 3.88 15.35
N GLY B 145 15.66 3.23 16.09
CA GLY B 145 16.99 3.82 16.24
C GLY B 145 18.07 3.31 15.30
N ASP B 146 17.81 2.28 14.50
CA ASP B 146 18.92 1.66 13.79
C ASP B 146 19.25 2.40 12.49
N GLY B 147 18.52 3.46 12.17
CA GLY B 147 18.83 4.24 11.00
C GLY B 147 18.46 3.61 9.67
N HIS B 148 17.81 2.45 9.67
CA HIS B 148 17.32 1.85 8.44
C HIS B 148 15.80 2.04 8.30
N GLY B 149 15.31 1.89 7.06
CA GLY B 149 13.87 1.87 6.85
C GLY B 149 13.28 0.56 7.30
N HIS B 150 12.02 0.61 7.71
CA HIS B 150 11.31 -0.58 8.15
C HIS B 150 9.83 -0.47 7.82
N VAL B 151 9.19 -1.62 7.62
CA VAL B 151 7.73 -1.77 7.54
C VAL B 151 7.25 -2.54 8.76
N LEU B 152 6.54 -1.84 9.64
CA LEU B 152 5.94 -2.49 10.80
C LEU B 152 4.61 -3.11 10.42
N ASP B 153 4.30 -4.27 11.01
CA ASP B 153 2.99 -4.86 10.83
C ASP B 153 2.43 -5.27 12.17
N GLU B 154 1.36 -6.07 12.13
CA GLU B 154 0.61 -6.39 13.34
C GLU B 154 1.37 -7.33 14.29
N ASP B 155 2.52 -7.86 13.87
CA ASP B 155 3.37 -8.59 14.82
C ASP B 155 4.18 -7.64 15.70
N SER B 156 4.20 -6.35 15.39
CA SER B 156 5.02 -5.40 16.12
C SER B 156 4.21 -4.82 17.27
N TRP B 157 4.81 -4.84 18.47
CA TRP B 157 4.23 -4.26 19.67
C TRP B 157 5.20 -3.23 20.25
N SER B 158 4.65 -2.14 20.77
CA SER B 158 5.48 -1.15 21.43
C SER B 158 6.15 -1.76 22.66
N ASP B 159 7.39 -1.37 22.90
CA ASP B 159 8.29 -2.06 23.82
C ASP B 159 8.03 -1.54 25.24
N VAL B 160 7.18 -2.26 25.96
CA VAL B 160 6.75 -1.80 27.29
C VAL B 160 7.94 -1.63 28.22
N ASP B 161 8.86 -2.61 28.25
CA ASP B 161 10.01 -2.52 29.14
C ASP B 161 10.87 -1.31 28.82
N PHE B 162 11.17 -1.09 27.54
CA PHE B 162 11.97 0.07 27.18
C PHE B 162 11.25 1.36 27.56
N LEU B 163 9.93 1.39 27.39
CA LEU B 163 9.18 2.60 27.69
C LEU B 163 9.18 2.89 29.19
N ARG B 164 8.97 1.85 30.01
CA ARG B 164 9.06 2.04 31.45
C ARG B 164 10.48 2.41 31.88
N ALA B 165 11.50 1.87 31.20
CA ALA B 165 12.88 2.14 31.58
C ALA B 165 13.24 3.61 31.33
N HIS B 166 12.92 4.13 30.15
CA HIS B 166 13.39 5.44 29.73
C HIS B 166 12.30 6.52 29.73
N LYS B 167 11.04 6.16 29.85
CA LYS B 167 9.91 7.07 29.95
C LYS B 167 10.03 8.29 29.01
N PRO B 168 10.14 8.06 27.70
CA PRO B 168 10.05 9.19 26.75
C PRO B 168 8.66 9.80 26.77
N PRO B 169 8.46 10.93 26.08
CA PRO B 169 7.12 11.52 26.05
C PRO B 169 6.11 10.54 25.44
N THR B 170 4.90 10.54 25.98
CA THR B 170 3.81 9.66 25.58
C THR B 170 4.03 8.21 26.00
N TRP B 171 5.11 7.91 26.75
CA TRP B 171 5.37 6.54 27.16
C TRP B 171 4.14 5.90 27.82
N SER B 172 3.45 6.65 28.68
CA SER B 172 2.33 6.04 29.40
C SER B 172 1.19 5.73 28.46
N HIS B 173 1.05 6.52 27.39
CA HIS B 173 -0.01 6.27 26.42
C HIS B 173 0.23 4.96 25.68
N CYS B 174 1.47 4.70 25.28
CA CYS B 174 1.79 3.46 24.57
C CYS B 174 1.67 2.25 25.50
N VAL B 175 2.26 2.33 26.70
CA VAL B 175 2.18 1.21 27.63
C VAL B 175 0.72 0.88 27.93
N SER B 176 -0.10 1.90 28.16
CA SER B 176 -1.53 1.69 28.41
C SER B 176 -2.17 0.92 27.27
N LYS B 177 -1.92 1.34 26.02
CA LYS B 177 -2.55 0.65 24.89
C LYS B 177 -2.07 -0.80 24.81
N VAL B 178 -0.77 -1.00 24.92
CA VAL B 178 -0.23 -2.36 24.82
C VAL B 178 -0.86 -3.26 25.88
N LEU B 179 -0.77 -2.85 27.15
CA LEU B 179 -1.20 -3.73 28.23
C LEU B 179 -2.70 -3.96 28.18
N LEU B 180 -3.49 -2.91 27.91
CA LEU B 180 -4.94 -3.12 27.88
C LEU B 180 -5.33 -4.05 26.74
N GLU B 181 -4.64 -3.96 25.59
CA GLU B 181 -4.90 -4.91 24.52
C GLU B 181 -4.52 -6.33 24.93
N LYS B 182 -3.30 -6.51 25.46
CA LYS B 182 -2.89 -7.83 25.93
C LYS B 182 -3.89 -8.41 26.92
N GLU B 183 -4.26 -7.61 27.94
CA GLU B 183 -5.14 -8.14 28.98
C GLU B 183 -6.54 -8.43 28.42
N ALA B 184 -7.02 -7.62 27.49
CA ALA B 184 -8.34 -7.91 26.92
C ALA B 184 -8.32 -9.18 26.08
N GLY B 185 -7.22 -9.45 25.39
CA GLY B 185 -7.13 -10.70 24.64
C GLY B 185 -6.99 -11.90 25.55
N ARG B 186 -6.17 -11.78 26.59
CA ARG B 186 -6.13 -12.78 27.65
C ARG B 186 -7.55 -13.09 28.12
N PHE B 187 -8.29 -12.05 28.49
CA PHE B 187 -9.63 -12.24 29.02
C PHE B 187 -10.54 -12.89 27.97
N ALA B 188 -10.45 -12.43 26.73
CA ALA B 188 -11.33 -12.98 25.70
C ALA B 188 -11.02 -14.46 25.47
N GLU B 189 -9.74 -14.83 25.48
CA GLU B 189 -9.37 -16.24 25.39
C GLU B 189 -10.05 -17.07 26.47
N GLU B 190 -9.82 -16.70 27.73
CA GLU B 190 -10.33 -17.48 28.85
C GLU B 190 -11.85 -17.60 28.83
N HIS B 191 -12.55 -16.53 28.47
CA HIS B 191 -14.00 -16.54 28.58
C HIS B 191 -14.68 -16.87 27.26
N GLY B 192 -13.92 -17.28 26.25
CA GLY B 192 -14.51 -17.73 25.01
C GLY B 192 -15.33 -16.69 24.28
N ILE B 193 -14.82 -15.46 24.18
CA ILE B 193 -15.50 -14.41 23.44
C ILE B 193 -14.51 -13.85 22.41
N SER B 194 -15.00 -13.62 21.20
CA SER B 194 -14.16 -13.19 20.10
C SER B 194 -13.81 -11.71 20.25
N LEU B 195 -12.52 -11.40 20.25
CA LEU B 195 -12.04 -10.03 20.30
C LEU B 195 -11.17 -9.75 19.09
N VAL B 196 -11.48 -8.69 18.36
CA VAL B 196 -10.63 -8.18 17.30
C VAL B 196 -10.26 -6.75 17.63
N THR B 197 -9.00 -6.36 17.37
CA THR B 197 -8.51 -5.02 17.71
C THR B 197 -8.10 -4.29 16.44
N ILE B 198 -8.50 -3.02 16.33
CA ILE B 198 -8.10 -2.16 15.22
C ILE B 198 -7.17 -1.07 15.76
N LEU B 199 -6.18 -0.71 14.95
CA LEU B 199 -5.07 0.15 15.36
C LEU B 199 -4.94 1.29 14.35
N PRO B 200 -5.77 2.33 14.47
CA PRO B 200 -5.68 3.45 13.52
C PRO B 200 -4.41 4.27 13.72
N VAL B 201 -4.01 4.92 12.63
CA VAL B 201 -3.03 6.01 12.67
C VAL B 201 -3.78 7.32 12.92
N ILE B 202 -3.25 8.46 12.48
CA ILE B 202 -3.94 9.72 12.73
C ILE B 202 -5.25 9.75 11.95
N VAL B 203 -6.34 10.08 12.65
CA VAL B 203 -7.67 10.00 12.08
C VAL B 203 -8.14 11.39 11.64
N VAL B 204 -8.59 11.51 10.39
CA VAL B 204 -8.99 12.78 9.80
C VAL B 204 -10.44 12.70 9.34
N GLY B 205 -11.20 13.74 9.61
CA GLY B 205 -12.50 13.92 8.98
C GLY B 205 -13.59 14.32 9.96
N ALA B 206 -14.73 14.69 9.39
CA ALA B 206 -15.85 15.17 10.20
C ALA B 206 -16.62 14.04 10.86
N ALA B 207 -17.16 14.34 12.04
CA ALA B 207 -18.03 13.42 12.76
C ALA B 207 -19.21 14.17 13.40
N PRO B 208 -20.20 13.45 13.91
CA PRO B 208 -21.36 14.14 14.54
C PRO B 208 -21.06 14.81 15.87
N ALA B 209 -20.04 14.38 16.61
CA ALA B 209 -19.81 14.90 17.96
C ALA B 209 -19.61 16.41 17.97
N PRO B 210 -20.40 17.17 18.73
CA PRO B 210 -20.20 18.64 18.76
C PRO B 210 -19.05 19.10 19.63
N LYS B 211 -18.54 18.27 20.55
CA LYS B 211 -17.53 18.70 21.50
C LYS B 211 -16.19 17.99 21.29
N ALA B 212 -15.94 17.46 20.10
CA ALA B 212 -14.77 16.67 19.81
C ALA B 212 -13.51 17.51 19.48
N ARG B 213 -13.53 18.81 19.75
CA ARG B 213 -12.41 19.70 19.46
C ARG B 213 -11.05 19.01 19.58
N SER B 214 -10.77 18.45 20.76
CA SER B 214 -9.43 17.96 21.07
C SER B 214 -9.01 16.77 20.20
N SER B 215 -9.95 16.08 19.54
CA SER B 215 -9.55 14.86 18.84
C SER B 215 -8.99 15.11 17.43
N ILE B 216 -9.26 16.28 16.83
CA ILE B 216 -8.80 16.59 15.48
C ILE B 216 -7.82 17.75 15.47
N VAL B 217 -7.29 18.15 16.63
CA VAL B 217 -6.37 19.28 16.71
C VAL B 217 -5.15 19.03 15.84
N ASP B 218 -4.58 17.82 15.88
CA ASP B 218 -3.32 17.58 15.20
C ASP B 218 -3.45 17.71 13.69
N CYS B 219 -4.44 17.04 13.09
CA CYS B 219 -4.49 17.02 11.64
C CYS B 219 -4.81 18.40 11.05
N LEU B 220 -5.35 19.32 11.85
CA LEU B 220 -5.59 20.70 11.43
C LEU B 220 -4.52 21.68 11.91
N SER B 221 -3.50 21.23 12.64
CA SER B 221 -2.59 22.16 13.31
C SER B 221 -1.83 23.05 12.32
N MET B 222 -1.60 22.57 11.09
CA MET B 222 -0.96 23.41 10.09
C MET B 222 -1.82 24.61 9.73
N LEU B 223 -3.15 24.43 9.69
CA LEU B 223 -4.07 25.53 9.38
C LEU B 223 -4.35 26.40 10.59
N SER B 224 -4.38 25.83 11.79
CA SER B 224 -4.68 26.58 13.01
C SER B 224 -3.45 27.20 13.66
N GLY B 225 -2.28 26.63 13.42
CA GLY B 225 -1.09 27.04 14.16
C GLY B 225 -0.99 26.49 15.55
N ASP B 226 -1.88 25.57 15.95
CA ASP B 226 -1.86 24.98 17.29
C ASP B 226 -0.48 24.37 17.55
N GLU B 227 0.24 24.94 18.53
CA GLU B 227 1.63 24.54 18.72
C GLU B 227 1.75 23.10 19.18
N ALA B 228 0.84 22.65 20.05
CA ALA B 228 0.89 21.26 20.51
C ALA B 228 0.67 20.30 19.34
N GLY B 229 -0.31 20.61 18.49
CA GLY B 229 -0.56 19.75 17.33
C GLY B 229 0.62 19.71 16.38
N LEU B 230 1.22 20.88 16.11
CA LEU B 230 2.39 20.91 15.25
C LEU B 230 3.53 20.08 15.83
N ALA B 231 3.72 20.13 17.15
CA ALA B 231 4.80 19.39 17.77
C ALA B 231 4.59 17.88 17.63
N MET B 232 3.34 17.43 17.78
CA MET B 232 3.02 16.02 17.58
C MET B 232 3.35 15.59 16.15
N LEU B 233 2.86 16.35 15.17
CA LEU B 233 3.14 16.04 13.77
C LEU B 233 4.65 15.95 13.54
N ARG B 234 5.41 16.91 14.07
CA ARG B 234 6.84 16.92 13.85
C ARG B 234 7.51 15.77 14.59
N ALA B 235 7.02 15.44 15.79
CA ALA B 235 7.59 14.31 16.52
C ALA B 235 7.43 13.03 15.71
N ILE B 236 6.24 12.79 15.18
CA ILE B 236 6.01 11.58 14.39
C ILE B 236 6.91 11.57 13.16
N GLN B 237 7.04 12.71 12.49
CA GLN B 237 7.90 12.76 11.32
C GLN B 237 9.36 12.56 11.70
N LYS B 238 9.81 13.18 12.79
CA LYS B 238 11.16 12.92 13.28
C LYS B 238 11.37 11.43 13.51
N THR B 239 10.36 10.74 14.04
CA THR B 239 10.50 9.31 14.29
C THR B 239 10.43 8.50 13.01
N SER B 240 9.39 8.71 12.20
CA SER B 240 9.06 7.80 11.11
C SER B 240 9.51 8.28 9.74
N GLY B 241 9.89 9.55 9.58
CA GLY B 241 10.18 10.10 8.28
C GLY B 241 8.95 10.50 7.50
N GLU B 242 7.77 10.39 8.10
CA GLU B 242 6.48 10.64 7.48
C GLU B 242 5.45 10.66 8.60
N VAL B 243 4.19 10.94 8.26
CA VAL B 243 3.07 10.64 9.14
C VAL B 243 2.11 9.71 8.40
N GLN B 244 1.16 9.15 9.14
CA GLN B 244 0.19 8.23 8.58
C GLN B 244 -1.20 8.71 8.94
N LEU B 245 -2.09 8.72 7.93
CA LEU B 245 -3.43 9.27 8.02
C LEU B 245 -4.44 8.24 7.53
N VAL B 246 -5.63 8.31 8.10
CA VAL B 246 -6.77 7.56 7.62
C VAL B 246 -8.03 8.40 7.85
N HIS B 247 -8.99 8.29 6.94
CA HIS B 247 -10.25 9.01 7.09
C HIS B 247 -11.13 8.32 8.12
N VAL B 248 -11.78 9.13 8.97
CA VAL B 248 -12.58 8.57 10.06
C VAL B 248 -13.64 7.61 9.52
N ASP B 249 -14.16 7.87 8.33
CA ASP B 249 -15.22 7.01 7.82
C ASP B 249 -14.66 5.68 7.32
N ASP B 250 -13.43 5.67 6.81
CA ASP B 250 -12.78 4.40 6.50
C ASP B 250 -12.51 3.62 7.78
N LEU B 251 -12.05 4.29 8.84
CA LEU B 251 -11.85 3.59 10.10
C LEU B 251 -13.15 2.97 10.59
N CYS B 252 -14.24 3.72 10.56
CA CYS B 252 -15.52 3.18 10.98
C CYS B 252 -15.95 2.00 10.13
N ARG B 253 -15.83 2.15 8.82
CA ARG B 253 -16.14 1.05 7.90
C ARG B 253 -15.26 -0.16 8.17
N ALA B 254 -13.98 0.07 8.48
CA ALA B 254 -13.10 -1.05 8.84
C ALA B 254 -13.58 -1.72 10.12
N GLU B 255 -13.98 -0.94 11.13
CA GLU B 255 -14.48 -1.54 12.36
C GLU B 255 -15.70 -2.42 12.07
N LEU B 256 -16.63 -1.92 11.25
CA LEU B 256 -17.80 -2.71 10.91
C LEU B 256 -17.40 -3.97 10.16
N PHE B 257 -16.49 -3.83 9.20
CA PHE B 257 -15.97 -4.98 8.45
C PHE B 257 -15.42 -6.04 9.39
N LEU B 258 -14.66 -5.63 10.40
CA LEU B 258 -14.06 -6.60 11.31
C LEU B 258 -15.11 -7.29 12.19
N ALA B 259 -16.20 -6.60 12.51
CA ALA B 259 -17.26 -7.24 13.28
C ALA B 259 -18.03 -8.26 12.44
N GLU B 260 -18.30 -7.93 11.18
CA GLU B 260 -19.21 -8.70 10.34
C GLU B 260 -18.58 -9.89 9.64
N ASN B 261 -17.26 -9.93 9.50
CA ASN B 261 -16.58 -10.96 8.73
C ASN B 261 -15.97 -11.99 9.68
N ALA B 262 -16.60 -13.17 9.74
CA ALA B 262 -16.25 -14.18 10.75
C ALA B 262 -14.77 -14.54 10.73
N THR B 263 -14.14 -14.52 9.57
CA THR B 263 -12.74 -14.92 9.49
C THR B 263 -11.79 -13.89 10.06
N ALA B 264 -12.23 -12.67 10.33
CA ALA B 264 -11.36 -11.68 10.95
C ALA B 264 -10.83 -12.22 12.28
N ASN B 265 -9.56 -11.92 12.59
CA ASN B 265 -8.93 -12.48 13.77
C ASN B 265 -7.73 -11.64 14.19
N GLY B 266 -7.63 -11.35 15.49
CA GLY B 266 -6.47 -10.65 16.02
C GLY B 266 -6.50 -9.13 15.93
N ARG B 267 -5.40 -8.52 15.51
CA ARG B 267 -5.28 -7.07 15.46
C ARG B 267 -5.00 -6.62 14.02
N TYR B 268 -5.44 -5.39 13.69
CA TYR B 268 -5.32 -4.85 12.33
C TYR B 268 -4.91 -3.38 12.36
N ILE B 269 -3.81 -3.06 11.67
CA ILE B 269 -3.47 -1.67 11.42
C ILE B 269 -4.52 -1.06 10.49
N CYS B 270 -4.84 0.23 10.70
CA CYS B 270 -5.78 0.95 9.82
C CYS B 270 -5.16 2.29 9.44
N SER B 271 -4.86 2.45 8.16
CA SER B 271 -4.04 3.53 7.63
C SER B 271 -4.19 3.53 6.12
N ARG B 272 -3.99 4.70 5.50
CA ARG B 272 -4.19 4.77 4.06
C ARG B 272 -3.19 5.66 3.33
N TYR B 273 -2.82 6.80 3.93
CA TYR B 273 -1.97 7.76 3.23
C TYR B 273 -0.88 8.26 4.16
N HIS B 274 0.37 8.23 3.68
CA HIS B 274 1.58 8.49 4.47
C HIS B 274 2.39 9.61 3.84
N PRO B 275 1.97 10.85 4.00
CA PRO B 275 2.76 11.97 3.46
C PRO B 275 3.85 12.39 4.43
N THR B 276 4.90 12.98 3.87
CA THR B 276 5.78 13.82 4.67
C THR B 276 5.04 15.09 5.06
N LEU B 277 5.58 15.81 6.05
CA LEU B 277 4.95 17.05 6.48
C LEU B 277 4.97 18.07 5.34
N VAL B 278 6.05 18.11 4.56
CA VAL B 278 6.12 19.08 3.48
C VAL B 278 5.10 18.77 2.39
N GLU B 279 4.88 17.48 2.09
CA GLU B 279 3.78 17.14 1.18
C GLU B 279 2.44 17.56 1.76
N LEU B 280 2.20 17.23 3.03
CA LEU B 280 0.93 17.61 3.66
C LEU B 280 0.77 19.12 3.64
N ALA B 281 1.82 19.86 4.03
CA ALA B 281 1.71 21.31 4.06
C ALA B 281 1.48 21.88 2.67
N THR B 282 2.17 21.35 1.65
CA THR B 282 1.98 21.86 0.30
C THR B 282 0.54 21.67 -0.16
N PHE B 283 -0.03 20.49 0.08
CA PHE B 283 -1.42 20.28 -0.28
C PHE B 283 -2.33 21.28 0.43
N LEU B 284 -2.12 21.45 1.74
CA LEU B 284 -3.02 22.32 2.51
C LEU B 284 -2.89 23.76 2.05
N ALA B 285 -1.65 24.20 1.79
CA ALA B 285 -1.41 25.58 1.36
C ALA B 285 -2.14 25.91 0.07
N GLN B 286 -2.19 24.96 -0.86
CA GLN B 286 -2.80 25.23 -2.15
C GLN B 286 -4.32 25.07 -2.10
N LYS B 287 -4.83 24.06 -1.40
CA LYS B 287 -6.28 23.90 -1.35
C LYS B 287 -6.93 24.93 -0.44
N TYR B 288 -6.25 25.36 0.62
CA TYR B 288 -6.81 26.27 1.62
C TYR B 288 -5.88 27.46 1.85
N PRO B 289 -5.57 28.21 0.80
CA PRO B 289 -4.59 29.29 0.95
C PRO B 289 -4.96 30.32 2.01
N GLN B 290 -6.25 30.47 2.34
CA GLN B 290 -6.68 31.50 3.28
C GLN B 290 -6.00 31.40 4.63
N TYR B 291 -5.30 30.31 4.94
CA TYR B 291 -4.69 30.13 6.25
C TYR B 291 -3.21 30.49 6.27
N GLY B 292 -2.62 30.84 5.13
CA GLY B 292 -1.23 31.26 5.12
C GLY B 292 -0.24 30.19 5.53
N VAL B 293 -0.52 28.92 5.21
CA VAL B 293 0.46 27.88 5.46
C VAL B 293 1.71 28.18 4.67
N LYS B 294 2.88 28.04 5.31
CA LYS B 294 4.16 28.19 4.65
C LYS B 294 4.83 26.83 4.55
N PRO B 295 4.75 26.14 3.40
CA PRO B 295 5.31 24.78 3.33
C PRO B 295 6.77 24.71 3.74
N THR B 296 7.57 25.75 3.46
CA THR B 296 8.98 25.77 3.85
C THR B 296 9.16 25.67 5.36
N ASP B 297 8.14 26.02 6.16
CA ASP B 297 8.21 25.79 7.59
C ASP B 297 8.38 24.31 7.94
N PHE B 298 8.17 23.40 6.98
CA PHE B 298 8.19 21.97 7.24
C PHE B 298 9.21 21.24 6.37
N ASP B 299 10.06 21.96 5.66
CA ASP B 299 11.13 21.30 4.94
C ASP B 299 11.95 20.46 5.92
N ASP B 300 12.46 19.35 5.42
CA ASP B 300 13.19 18.45 6.30
C ASP B 300 14.05 17.53 5.44
N GLU B 301 15.11 17.04 6.07
CA GLU B 301 15.93 16.01 5.46
C GLU B 301 15.09 14.77 5.22
N GLU B 302 15.34 14.10 4.11
CA GLU B 302 14.74 12.80 3.90
C GLU B 302 15.28 11.84 4.96
N ARG B 303 14.38 11.18 5.68
CA ARG B 303 14.77 10.25 6.72
C ARG B 303 14.34 8.83 6.36
N PRO B 304 15.04 7.82 6.84
CA PRO B 304 14.57 6.43 6.66
C PRO B 304 13.10 6.34 7.03
N ARG B 305 12.33 5.63 6.22
CA ARG B 305 10.89 5.54 6.44
C ARG B 305 10.63 4.35 7.34
N VAL B 306 10.02 4.61 8.49
CA VAL B 306 9.54 3.56 9.38
C VAL B 306 8.02 3.62 9.28
N THR B 307 7.45 2.76 8.46
CA THR B 307 6.08 2.95 8.01
C THR B 307 5.21 1.79 8.49
N MET B 308 3.90 1.94 8.30
CA MET B 308 2.95 0.92 8.69
C MET B 308 2.50 0.11 7.47
N SER B 309 2.45 -1.20 7.63
CA SER B 309 1.89 -2.06 6.60
C SER B 309 0.39 -1.85 6.51
N LEU B 310 -0.13 -1.70 5.29
CA LEU B 310 -1.56 -1.58 5.05
C LEU B 310 -2.20 -2.90 4.63
N GLU B 311 -1.45 -4.00 4.64
CA GLU B 311 -1.85 -5.14 3.83
C GLU B 311 -2.89 -6.03 4.50
N LYS B 312 -2.92 -6.12 5.83
CA LYS B 312 -3.75 -7.15 6.46
C LYS B 312 -5.23 -6.92 6.15
N LEU B 313 -5.74 -5.70 6.38
CA LEU B 313 -7.13 -5.42 6.04
C LEU B 313 -7.39 -5.66 4.56
N ILE B 314 -6.46 -5.24 3.69
CA ILE B 314 -6.65 -5.41 2.25
C ILE B 314 -6.74 -6.90 1.90
N ARG B 315 -5.79 -7.70 2.42
CA ARG B 315 -5.79 -9.14 2.14
C ARG B 315 -7.11 -9.79 2.50
N GLU B 316 -7.81 -9.25 3.50
CA GLU B 316 -9.07 -9.84 3.92
C GLU B 316 -10.28 -9.25 3.22
N GLY B 317 -10.08 -8.36 2.24
CA GLY B 317 -11.17 -7.91 1.40
C GLY B 317 -11.73 -6.54 1.72
N PHE B 318 -11.15 -5.81 2.68
CA PHE B 318 -11.62 -4.47 2.98
C PHE B 318 -11.16 -3.49 1.92
N GLU B 319 -12.00 -2.49 1.62
CA GLU B 319 -11.64 -1.44 0.68
C GLU B 319 -11.81 -0.07 1.33
N TYR B 320 -10.79 0.77 1.21
CA TYR B 320 -10.86 2.15 1.64
C TYR B 320 -11.53 3.00 0.59
N LYS B 321 -12.31 3.99 1.03
CA LYS B 321 -12.96 4.92 0.10
C LYS B 321 -12.23 6.25 -0.03
N HIS B 322 -11.38 6.60 0.93
CA HIS B 322 -10.66 7.89 0.89
C HIS B 322 -9.18 7.58 0.64
N ASN B 323 -8.79 7.63 -0.64
CA ASN B 323 -7.53 7.05 -1.06
C ASN B 323 -6.47 8.07 -1.43
N THR B 324 -6.85 9.30 -1.75
CA THR B 324 -5.90 10.39 -2.00
C THR B 324 -5.83 11.30 -0.79
N LEU B 325 -4.76 12.10 -0.73
CA LEU B 325 -4.64 13.02 0.39
C LEU B 325 -5.85 13.95 0.45
N GLU B 326 -6.29 14.42 -0.71
CA GLU B 326 -7.42 15.34 -0.76
C GLU B 326 -8.69 14.69 -0.23
N GLU B 327 -8.98 13.45 -0.66
CA GLU B 327 -10.16 12.74 -0.16
C GLU B 327 -10.07 12.52 1.35
N ILE B 328 -8.88 12.30 1.88
CA ILE B 328 -8.77 12.09 3.32
C ILE B 328 -9.10 13.38 4.04
N TYR B 329 -8.79 14.53 3.43
CA TYR B 329 -9.11 15.85 3.96
C TYR B 329 -10.39 16.42 3.36
N ASP B 330 -11.33 15.58 2.94
CA ASP B 330 -12.43 16.10 2.12
C ASP B 330 -13.38 16.99 2.93
N ASN B 331 -13.49 16.77 4.22
CA ASN B 331 -14.51 17.49 4.97
C ASN B 331 -14.04 17.93 6.35
N VAL B 332 -12.77 17.75 6.71
CA VAL B 332 -12.34 18.01 8.08
C VAL B 332 -12.25 19.51 8.35
N VAL B 333 -12.02 20.33 7.31
CA VAL B 333 -11.88 21.77 7.54
C VAL B 333 -13.21 22.37 7.98
N GLU B 334 -14.30 22.01 7.32
CA GLU B 334 -15.61 22.51 7.75
C GLU B 334 -15.89 22.07 9.17
N TYR B 335 -15.47 20.86 9.53
CA TYR B 335 -15.69 20.39 10.88
C TYR B 335 -14.90 21.25 11.87
N GLY B 336 -13.65 21.57 11.54
CA GLY B 336 -12.86 22.39 12.44
C GLY B 336 -13.42 23.78 12.60
N LYS B 337 -14.00 24.35 11.54
CA LYS B 337 -14.71 25.62 11.67
C LYS B 337 -15.86 25.48 12.64
N ALA B 338 -16.71 24.48 12.42
CA ALA B 338 -17.87 24.30 13.30
C ALA B 338 -17.45 24.08 14.75
N LEU B 339 -16.31 23.43 14.99
CA LEU B 339 -15.85 23.22 16.37
C LEU B 339 -15.10 24.41 16.94
N GLY B 340 -14.83 25.41 16.12
CA GLY B 340 -14.08 26.55 16.60
C GLY B 340 -12.58 26.38 16.60
N ILE B 341 -12.07 25.30 16.02
CA ILE B 341 -10.62 25.16 15.91
C ILE B 341 -10.09 26.18 14.91
N LEU B 342 -10.83 26.43 13.84
CA LEU B 342 -10.42 27.37 12.81
C LEU B 342 -11.29 28.62 12.89
N PRO B 343 -10.67 29.80 12.81
CA PRO B 343 -11.43 31.05 12.99
C PRO B 343 -12.46 31.31 11.90
N TYR B 344 -12.36 30.65 10.74
CA TYR B 344 -13.23 31.00 9.62
C TYR B 344 -13.15 29.98 8.50
#